data_3TG6
#
_entry.id   3TG6
#
_cell.length_a   146.692
_cell.length_b   146.692
_cell.length_c   146.692
_cell.angle_alpha   90.00
_cell.angle_beta   90.00
_cell.angle_gamma   90.00
#
_symmetry.space_group_name_H-M   'P 21 3'
#
loop_
_entity.id
_entity.type
_entity.pdbx_description
1 polymer 'Nucleocapsid protein'
2 non-polymer [4-(2-chloro-4-nitrophenyl)piperazin-1-yl][3-(2-chloropyridin-3-yl)-5-methyl-1,2-oxazol-4-yl]methanone
3 water water
#
_entity_poly.entity_id   1
_entity_poly.type   'polypeptide(L)'
_entity_poly.pdbx_seq_one_letter_code
;RSYEQMETDGERQNATEIRASVGKMIDGIGRFYIQMCTELKLSDYEGRLIQNSLTIERMVLSAFDERRNKYLEEHPSAGK
DPKKTGGPIYRRVDGKWRRELILYDKEEIRRIWRQANNGDDATAGLTHMMIWHSNLNDATYQRTRALVRTGMDPRMCSLM
QGSTLPRRSGAAGAAVKGVGTMVMELIRMIKRGINDRNFWRGENGRRTRIAYERMCNILKGKFQTAAQRTMVDQVRESRN
PGNAEFEDLIFLARSALILRGSVAHKSCLPACVYGSAVASGYDFEREGYSLVGIDPFRLLQNSQVYSLIRPNENPAHKSQ
LVWMACHSAAFEDLRVSSFIRGTKVVPRGKLSTRGVQIASNENMETMESSTLELRSRYWAIRTRSGGNTNQQRASSGQIS
IQPTFSVQRNLPFDRPTIMAAFTGNTEGRTSDMRTEIIRLMESARPEDVSFQGRGVFELSDEKATSPIVPSFDMSNEGSY
FFGDNAEEYDNLEHHHHHH
;
_entity_poly.pdbx_strand_id   A,B
#
# COMPACT_ATOMS: atom_id res chain seq x y z
N ALA A 15 -26.22 -5.29 17.24
CA ALA A 15 -24.72 -5.27 17.13
C ALA A 15 -24.21 -6.46 16.33
N THR A 16 -24.25 -7.65 16.93
CA THR A 16 -23.90 -8.89 16.24
C THR A 16 -24.87 -9.14 15.08
N GLU A 17 -26.16 -8.92 15.34
CA GLU A 17 -27.21 -9.05 14.31
C GLU A 17 -27.03 -8.04 13.15
N ILE A 18 -26.63 -6.81 13.48
CA ILE A 18 -26.37 -5.79 12.46
C ILE A 18 -25.23 -6.25 11.55
N ARG A 19 -24.10 -6.61 12.16
CA ARG A 19 -22.90 -7.02 11.44
C ARG A 19 -23.15 -8.25 10.58
N ALA A 20 -24.07 -9.10 11.04
CA ALA A 20 -24.49 -10.29 10.31
C ALA A 20 -25.07 -9.95 8.93
N SER A 21 -26.05 -9.05 8.92
CA SER A 21 -26.71 -8.68 7.67
C SER A 21 -25.84 -7.80 6.78
N VAL A 22 -25.19 -6.80 7.39
CA VAL A 22 -24.25 -5.95 6.65
C VAL A 22 -23.20 -6.84 6.00
N GLY A 23 -22.73 -7.84 6.75
CA GLY A 23 -21.77 -8.81 6.25
C GLY A 23 -22.30 -9.59 5.06
N LYS A 24 -23.58 -9.92 5.09
CA LYS A 24 -24.22 -10.66 3.99
C LYS A 24 -24.32 -9.83 2.71
N MET A 25 -24.77 -8.58 2.83
CA MET A 25 -24.95 -7.76 1.63
C MET A 25 -23.63 -7.42 0.95
N ILE A 26 -22.56 -7.29 1.74
CA ILE A 26 -21.22 -7.03 1.19
C ILE A 26 -20.69 -8.29 0.54
N ASP A 27 -21.01 -9.44 1.12
CA ASP A 27 -20.67 -10.73 0.53
C ASP A 27 -21.38 -10.92 -0.80
N GLY A 28 -22.64 -10.46 -0.86
CA GLY A 28 -23.42 -10.47 -2.09
C GLY A 28 -22.76 -9.66 -3.19
N ILE A 29 -22.54 -8.37 -2.93
CA ILE A 29 -21.88 -7.48 -3.87
C ILE A 29 -20.55 -8.09 -4.33
N GLY A 30 -19.82 -8.67 -3.38
CA GLY A 30 -18.57 -9.35 -3.68
C GLY A 30 -18.72 -10.44 -4.72
N ARG A 31 -19.59 -11.41 -4.43
CA ARG A 31 -19.81 -12.56 -5.31
C ARG A 31 -20.32 -12.16 -6.69
N PHE A 32 -21.21 -11.16 -6.73
CA PHE A 32 -21.68 -10.60 -7.99
C PHE A 32 -20.52 -10.10 -8.85
N TYR A 33 -19.69 -9.22 -8.28
CA TYR A 33 -18.56 -8.64 -9.01
C TYR A 33 -17.63 -9.71 -9.59
N ILE A 34 -17.22 -10.67 -8.76
CA ILE A 34 -16.38 -11.78 -9.21
C ILE A 34 -17.01 -12.48 -10.41
N GLN A 35 -18.30 -12.78 -10.31
CA GLN A 35 -19.06 -13.41 -11.38
C GLN A 35 -19.03 -12.54 -12.62
N MET A 36 -19.41 -11.28 -12.45
CA MET A 36 -19.46 -10.29 -13.52
C MET A 36 -18.10 -10.12 -14.20
N CYS A 37 -17.03 -10.29 -13.42
CA CYS A 37 -15.66 -10.15 -13.91
C CYS A 37 -15.23 -11.30 -14.82
N THR A 38 -15.74 -12.50 -14.54
CA THR A 38 -15.40 -13.68 -15.34
C THR A 38 -16.10 -13.63 -16.69
N GLU A 39 -17.38 -13.24 -16.67
CA GLU A 39 -18.18 -13.05 -17.88
C GLU A 39 -17.44 -12.20 -18.90
N LEU A 40 -16.83 -11.12 -18.42
CA LEU A 40 -16.12 -10.18 -19.28
C LEU A 40 -14.66 -10.56 -19.57
N LYS A 41 -14.28 -11.78 -19.17
CA LYS A 41 -12.92 -12.30 -19.39
C LYS A 41 -11.82 -11.33 -18.93
N LEU A 42 -12.07 -10.63 -17.82
CA LEU A 42 -11.17 -9.61 -17.29
C LEU A 42 -10.08 -10.19 -16.40
N SER A 43 -8.84 -9.72 -16.58
CA SER A 43 -7.74 -10.07 -15.69
C SER A 43 -8.01 -9.49 -14.31
N ASP A 44 -7.45 -10.12 -13.28
CA ASP A 44 -7.62 -9.63 -11.91
C ASP A 44 -7.28 -8.14 -11.77
N TYR A 45 -6.10 -7.74 -12.26
CA TYR A 45 -5.70 -6.34 -12.30
C TYR A 45 -6.79 -5.47 -12.94
N GLU A 46 -7.23 -5.87 -14.13
CA GLU A 46 -8.29 -5.15 -14.85
C GLU A 46 -9.58 -5.03 -14.04
N GLY A 47 -9.93 -6.11 -13.34
CA GLY A 47 -11.10 -6.12 -12.46
C GLY A 47 -10.96 -5.16 -11.28
N ARG A 48 -9.73 -4.76 -10.98
CA ARG A 48 -9.45 -3.82 -9.90
C ARG A 48 -9.17 -2.41 -10.42
N LEU A 49 -9.64 -2.13 -11.63
CA LEU A 49 -9.57 -0.78 -12.18
C LEU A 49 -10.88 -0.09 -11.85
N ILE A 50 -10.78 1.04 -11.13
CA ILE A 50 -11.95 1.76 -10.62
C ILE A 50 -12.95 2.13 -11.73
N GLN A 51 -12.43 2.42 -12.92
CA GLN A 51 -13.25 2.75 -14.08
C GLN A 51 -14.11 1.57 -14.50
N ASN A 52 -13.57 0.36 -14.39
CA ASN A 52 -14.32 -0.86 -14.68
C ASN A 52 -15.39 -1.17 -13.63
N SER A 53 -15.04 -0.93 -12.37
CA SER A 53 -15.96 -1.19 -11.25
C SER A 53 -17.23 -0.35 -11.39
N LEU A 54 -17.06 0.95 -11.63
CA LEU A 54 -18.17 1.89 -11.80
C LEU A 54 -19.10 1.52 -12.96
N THR A 55 -18.52 1.00 -14.04
CA THR A 55 -19.29 0.59 -15.22
C THR A 55 -20.17 -0.62 -14.88
N ILE A 56 -19.56 -1.59 -14.20
CA ILE A 56 -20.26 -2.78 -13.74
C ILE A 56 -21.33 -2.41 -12.73
N GLU A 57 -20.98 -1.50 -11.81
CA GLU A 57 -21.91 -0.96 -10.83
C GLU A 57 -23.08 -0.27 -11.53
N ARG A 58 -22.76 0.53 -12.56
CA ARG A 58 -23.77 1.23 -13.34
C ARG A 58 -24.75 0.24 -13.96
N MET A 59 -24.22 -0.85 -14.51
CA MET A 59 -25.02 -1.84 -15.22
C MET A 59 -26.12 -2.47 -14.38
N VAL A 60 -25.78 -2.93 -13.19
CA VAL A 60 -26.75 -3.59 -12.31
C VAL A 60 -27.80 -2.62 -11.75
N LEU A 61 -27.43 -1.34 -11.62
CA LEU A 61 -28.36 -0.33 -11.15
C LEU A 61 -29.32 0.07 -12.27
N SER A 62 -28.75 0.28 -13.45
CA SER A 62 -29.52 0.52 -14.66
C SER A 62 -30.49 -0.64 -14.96
N ALA A 63 -30.02 -1.88 -14.80
CA ALA A 63 -30.84 -3.07 -15.01
C ALA A 63 -32.04 -3.18 -14.07
N PHE A 64 -31.96 -2.56 -12.90
CA PHE A 64 -33.07 -2.59 -11.94
C PHE A 64 -33.86 -1.28 -11.91
N LYS A 84 -31.83 -3.28 -22.74
CA LYS A 84 -30.39 -3.50 -22.61
C LYS A 84 -29.67 -2.43 -21.77
N THR A 85 -28.43 -2.74 -21.37
CA THR A 85 -27.59 -1.82 -20.61
C THR A 85 -26.09 -2.07 -20.90
N GLY A 86 -25.23 -1.14 -20.52
CA GLY A 86 -23.80 -1.27 -20.78
C GLY A 86 -22.98 -0.03 -20.49
N GLY A 87 -21.76 -0.01 -21.00
CA GLY A 87 -20.84 1.09 -20.77
C GLY A 87 -19.41 0.71 -21.10
N PRO A 88 -18.45 1.63 -20.90
CA PRO A 88 -17.07 1.36 -21.28
C PRO A 88 -16.33 0.39 -20.35
N ILE A 89 -15.67 -0.59 -20.96
CA ILE A 89 -14.83 -1.53 -20.25
C ILE A 89 -13.41 -1.33 -20.75
N TYR A 90 -12.46 -1.25 -19.83
CA TYR A 90 -11.08 -0.92 -20.19
C TYR A 90 -10.14 -2.10 -20.01
N ARG A 91 -9.48 -2.48 -21.10
CA ARG A 91 -8.59 -3.64 -21.15
C ARG A 91 -7.16 -3.24 -21.47
N ARG A 92 -6.24 -4.14 -21.15
CA ARG A 92 -4.82 -3.97 -21.45
C ARG A 92 -4.44 -4.82 -22.67
N VAL A 93 -4.51 -4.23 -23.85
CA VAL A 93 -4.25 -4.96 -25.09
C VAL A 93 -3.01 -4.41 -25.81
N ASP A 94 -2.05 -5.30 -26.05
CA ASP A 94 -0.85 -5.00 -26.87
C ASP A 94 0.00 -3.84 -26.34
N GLY A 95 0.01 -3.66 -25.02
CA GLY A 95 0.82 -2.62 -24.38
C GLY A 95 0.17 -1.25 -24.29
N LYS A 96 -1.11 -1.18 -24.65
CA LYS A 96 -1.86 0.08 -24.61
C LYS A 96 -3.27 -0.14 -24.05
N TRP A 97 -3.83 0.91 -23.45
CA TRP A 97 -5.18 0.84 -22.89
C TRP A 97 -6.22 0.97 -24.00
N ARG A 98 -7.21 0.08 -23.97
CA ARG A 98 -8.25 0.05 -24.98
C ARG A 98 -9.62 0.12 -24.34
N ARG A 99 -10.57 0.72 -25.05
CA ARG A 99 -11.94 0.90 -24.54
C ARG A 99 -12.99 0.27 -25.46
N GLU A 100 -13.44 -0.91 -25.08
CA GLU A 100 -14.61 -1.51 -25.68
C GLU A 100 -15.83 -1.04 -24.90
N LEU A 101 -17.02 -1.15 -25.49
CA LEU A 101 -18.25 -0.90 -24.75
C LEU A 101 -19.30 -1.96 -25.03
N ILE A 102 -19.46 -2.86 -24.06
CA ILE A 102 -20.30 -4.04 -24.22
C ILE A 102 -21.74 -3.79 -23.78
N LEU A 103 -22.63 -4.69 -24.20
CA LEU A 103 -24.04 -4.61 -23.84
C LEU A 103 -24.55 -5.94 -23.31
N TYR A 104 -25.49 -5.87 -22.38
CA TYR A 104 -26.08 -7.04 -21.76
C TYR A 104 -27.59 -6.89 -21.67
N ASP A 105 -28.29 -8.02 -21.62
CA ASP A 105 -29.70 -8.03 -21.29
C ASP A 105 -29.89 -7.59 -19.86
N LYS A 106 -30.83 -6.68 -19.62
CA LYS A 106 -31.16 -6.28 -18.25
C LYS A 106 -31.75 -7.45 -17.46
N GLU A 107 -32.34 -8.41 -18.18
CA GLU A 107 -32.79 -9.67 -17.58
C GLU A 107 -31.61 -10.54 -17.19
N GLU A 108 -30.60 -10.61 -18.08
CA GLU A 108 -29.37 -11.35 -17.82
C GLU A 108 -28.66 -10.84 -16.56
N ILE A 109 -28.50 -9.51 -16.48
CA ILE A 109 -27.86 -8.87 -15.32
C ILE A 109 -28.65 -9.14 -14.05
N ARG A 110 -29.95 -8.84 -14.08
CA ARG A 110 -30.83 -9.06 -12.93
C ARG A 110 -30.73 -10.48 -12.38
N ARG A 111 -30.62 -11.45 -13.28
CA ARG A 111 -30.46 -12.86 -12.91
C ARG A 111 -29.13 -13.10 -12.21
N ILE A 112 -28.08 -12.44 -12.70
CA ILE A 112 -26.74 -12.57 -12.13
C ILE A 112 -26.66 -11.97 -10.73
N TRP A 113 -27.34 -10.84 -10.54
CA TRP A 113 -27.41 -10.18 -9.22
C TRP A 113 -28.21 -10.97 -8.20
N ARG A 114 -29.46 -11.30 -8.53
CA ARG A 114 -30.33 -12.08 -7.65
C ARG A 114 -29.69 -13.39 -7.18
N GLN A 115 -29.05 -14.10 -8.12
CA GLN A 115 -28.44 -15.40 -7.83
C GLN A 115 -27.15 -15.30 -7.03
N ALA A 116 -26.44 -14.18 -7.14
CA ALA A 116 -25.26 -13.94 -6.31
C ALA A 116 -25.66 -13.63 -4.86
N ASN A 117 -26.91 -13.18 -4.69
CA ASN A 117 -27.46 -12.92 -3.37
C ASN A 117 -28.47 -14.00 -2.95
N ASN A 118 -28.13 -15.25 -3.25
CA ASN A 118 -28.90 -16.46 -2.85
C ASN A 118 -30.42 -16.29 -2.86
N GLY A 119 -31.01 -16.30 -4.05
CA GLY A 119 -32.46 -16.24 -4.21
C GLY A 119 -33.08 -14.84 -4.20
N ASP A 120 -32.81 -14.09 -3.12
CA ASP A 120 -33.45 -12.79 -2.87
C ASP A 120 -33.14 -11.72 -3.93
N ASP A 121 -34.06 -10.75 -4.06
CA ASP A 121 -33.85 -9.57 -4.93
C ASP A 121 -32.72 -8.67 -4.40
N ALA A 122 -32.51 -8.71 -3.08
CA ALA A 122 -31.42 -8.01 -2.41
C ALA A 122 -31.28 -6.55 -2.85
N THR A 123 -32.27 -5.74 -2.51
CA THR A 123 -32.24 -4.31 -2.76
C THR A 123 -31.17 -3.60 -1.91
N ALA A 124 -30.86 -4.15 -0.74
CA ALA A 124 -29.93 -3.55 0.20
C ALA A 124 -28.54 -3.32 -0.40
N GLY A 125 -28.02 -4.32 -1.10
CA GLY A 125 -26.72 -4.21 -1.77
C GLY A 125 -26.76 -3.18 -2.89
N LEU A 126 -27.90 -3.10 -3.55
CA LEU A 126 -28.12 -2.15 -4.64
C LEU A 126 -28.02 -0.71 -4.15
N THR A 127 -28.78 -0.38 -3.12
CA THR A 127 -28.74 0.97 -2.54
C THR A 127 -27.38 1.31 -1.90
N HIS A 128 -26.63 0.29 -1.49
CA HIS A 128 -25.27 0.49 -0.98
C HIS A 128 -24.34 1.00 -2.08
N MET A 129 -24.50 0.47 -3.29
CA MET A 129 -23.71 0.94 -4.43
C MET A 129 -24.12 2.35 -4.87
N MET A 130 -25.40 2.68 -4.75
CA MET A 130 -25.89 4.02 -5.03
C MET A 130 -25.25 5.05 -4.10
N ILE A 131 -25.12 4.70 -2.82
CA ILE A 131 -24.52 5.59 -1.82
C ILE A 131 -23.02 5.81 -2.08
N TRP A 132 -22.34 4.77 -2.56
CA TRP A 132 -20.94 4.89 -2.99
C TRP A 132 -20.83 5.86 -4.16
N HIS A 133 -21.76 5.75 -5.10
CA HIS A 133 -21.81 6.67 -6.24
C HIS A 133 -22.13 8.09 -5.78
N SER A 134 -23.05 8.18 -4.82
CA SER A 134 -23.41 9.47 -4.24
C SER A 134 -22.21 10.14 -3.58
N ASN A 135 -21.50 9.37 -2.76
CA ASN A 135 -20.32 9.85 -2.04
C ASN A 135 -19.26 10.41 -2.99
N LEU A 136 -19.01 9.68 -4.08
CA LEU A 136 -18.04 10.10 -5.10
C LEU A 136 -18.52 11.33 -5.86
N ASN A 137 -19.82 11.43 -6.09
CA ASN A 137 -20.39 12.61 -6.73
C ASN A 137 -20.30 13.85 -5.85
N ASP A 138 -20.41 13.64 -4.53
CA ASP A 138 -20.31 14.73 -3.56
C ASP A 138 -18.88 15.24 -3.47
N ALA A 139 -17.92 14.36 -3.74
CA ALA A 139 -16.51 14.72 -3.72
C ALA A 139 -16.05 15.32 -5.04
N THR A 140 -16.61 14.83 -6.15
CA THR A 140 -16.17 15.24 -7.49
C THR A 140 -16.78 16.56 -7.95
N TYR A 141 -18.10 16.69 -7.82
CA TYR A 141 -18.82 17.82 -8.42
C TYR A 141 -19.46 18.74 -7.41
N GLN A 142 -19.28 20.04 -7.63
CA GLN A 142 -20.08 21.05 -6.96
C GLN A 142 -21.42 21.13 -7.70
N ARG A 143 -22.48 21.46 -6.98
CA ARG A 143 -23.82 21.44 -7.58
C ARG A 143 -24.60 22.74 -7.37
N THR A 144 -23.94 23.86 -7.66
CA THR A 144 -24.54 25.19 -7.51
C THR A 144 -25.59 25.46 -8.59
N ARG A 145 -25.37 24.90 -9.78
CA ARG A 145 -26.29 25.02 -10.90
C ARG A 145 -27.68 24.49 -10.53
N ALA A 146 -27.71 23.36 -9.82
CA ALA A 146 -28.96 22.79 -9.32
C ALA A 146 -29.51 23.57 -8.13
N LEU A 147 -28.62 24.23 -7.39
CA LEU A 147 -29.01 25.00 -6.21
C LEU A 147 -29.70 26.33 -6.55
N VAL A 148 -29.20 27.02 -7.57
CA VAL A 148 -29.76 28.32 -8.01
C VAL A 148 -31.16 28.20 -8.62
N ARG A 149 -31.44 27.08 -9.27
CA ARG A 149 -32.75 26.81 -9.85
C ARG A 149 -33.78 26.48 -8.77
N THR A 150 -33.32 25.90 -7.67
CA THR A 150 -34.18 25.59 -6.54
C THR A 150 -34.31 26.80 -5.61
N GLY A 151 -33.68 27.91 -5.98
CA GLY A 151 -33.72 29.15 -5.20
C GLY A 151 -32.86 29.12 -3.94
N MET A 152 -31.88 28.23 -3.92
CA MET A 152 -31.05 28.00 -2.75
C MET A 152 -29.67 28.64 -2.91
N ASP A 153 -29.09 29.05 -1.78
CA ASP A 153 -27.74 29.61 -1.74
C ASP A 153 -26.73 28.53 -2.14
N PRO A 154 -25.91 28.81 -3.17
CA PRO A 154 -24.88 27.87 -3.64
C PRO A 154 -23.81 27.56 -2.59
N ARG A 155 -23.79 28.32 -1.51
CA ARG A 155 -22.82 28.13 -0.43
C ARG A 155 -23.27 27.04 0.56
N MET A 156 -24.46 26.51 0.34
CA MET A 156 -25.03 25.49 1.21
C MET A 156 -24.53 24.08 0.84
N CYS A 157 -23.47 24.00 0.05
CA CYS A 157 -23.01 22.72 -0.48
C CYS A 157 -22.72 21.68 0.60
N SER A 158 -22.25 22.13 1.76
CA SER A 158 -21.95 21.23 2.87
C SER A 158 -23.18 20.50 3.40
N LEU A 159 -24.36 21.01 3.05
CA LEU A 159 -25.62 20.37 3.42
C LEU A 159 -26.17 19.44 2.34
N MET A 160 -25.38 19.22 1.29
CA MET A 160 -25.90 18.55 0.09
C MET A 160 -25.52 17.09 -0.07
N GLN A 161 -25.29 16.39 1.04
CA GLN A 161 -24.91 14.98 0.96
C GLN A 161 -26.03 14.15 0.35
N GLY A 162 -25.74 13.49 -0.77
CA GLY A 162 -26.70 12.61 -1.42
C GLY A 162 -27.74 13.30 -2.25
N SER A 163 -27.39 14.45 -2.83
CA SER A 163 -28.33 15.18 -3.67
C SER A 163 -28.52 14.50 -5.03
N THR A 164 -27.48 13.81 -5.51
CA THR A 164 -27.57 13.06 -6.76
C THR A 164 -28.30 11.73 -6.54
N LEU A 165 -28.50 11.38 -5.28
CA LEU A 165 -29.22 10.18 -4.91
C LEU A 165 -30.70 10.37 -5.23
N PRO A 166 -31.32 9.37 -5.87
CA PRO A 166 -32.71 9.51 -6.32
C PRO A 166 -33.69 9.76 -5.18
N ARG A 167 -34.69 10.60 -5.43
CA ARG A 167 -35.84 10.74 -4.53
C ARG A 167 -36.43 9.35 -4.34
N ARG A 168 -36.93 9.07 -3.14
CA ARG A 168 -37.34 7.71 -2.77
C ARG A 168 -36.21 6.73 -3.05
N SER A 169 -35.12 6.91 -2.31
CA SER A 169 -34.03 5.96 -2.27
C SER A 169 -34.36 4.98 -1.15
N GLY A 170 -33.36 4.28 -0.63
CA GLY A 170 -33.60 3.35 0.47
C GLY A 170 -33.87 4.06 1.79
N ALA A 171 -34.09 3.25 2.84
CA ALA A 171 -34.05 3.74 4.21
C ALA A 171 -32.62 4.18 4.50
N ALA A 172 -31.66 3.41 3.96
CA ALA A 172 -30.25 3.73 4.03
C ALA A 172 -29.94 5.03 3.29
N GLY A 173 -30.64 5.27 2.19
CA GLY A 173 -30.46 6.47 1.39
C GLY A 173 -30.96 7.71 2.12
N ALA A 174 -32.12 7.57 2.76
CA ALA A 174 -32.76 8.64 3.50
C ALA A 174 -31.88 9.11 4.64
N ALA A 175 -31.17 8.18 5.26
CA ALA A 175 -30.27 8.46 6.37
C ALA A 175 -29.06 9.28 5.92
N VAL A 176 -28.58 8.99 4.72
CA VAL A 176 -27.35 9.57 4.20
C VAL A 176 -27.57 10.98 3.62
N LYS A 177 -28.83 11.31 3.33
CA LYS A 177 -29.18 12.57 2.71
C LYS A 177 -29.06 13.75 3.68
N GLY A 178 -28.33 14.77 3.25
CA GLY A 178 -28.13 15.98 4.06
C GLY A 178 -29.38 16.84 4.15
N VAL A 179 -29.33 17.84 5.04
CA VAL A 179 -30.47 18.73 5.25
C VAL A 179 -30.81 19.50 3.98
N GLY A 180 -29.78 19.96 3.28
CA GLY A 180 -29.95 20.68 2.03
C GLY A 180 -30.53 19.82 0.93
N THR A 181 -30.11 18.57 0.87
CA THR A 181 -30.68 17.60 -0.08
C THR A 181 -32.19 17.51 0.10
N MET A 182 -32.61 17.40 1.36
CA MET A 182 -34.01 17.23 1.70
C MET A 182 -34.85 18.46 1.46
N VAL A 183 -34.26 19.63 1.69
CA VAL A 183 -34.91 20.91 1.41
C VAL A 183 -35.11 21.09 -0.11
N MET A 184 -34.07 20.73 -0.88
CA MET A 184 -34.12 20.81 -2.35
C MET A 184 -35.17 19.88 -2.97
N GLU A 185 -35.31 18.67 -2.43
CA GLU A 185 -36.36 17.74 -2.86
C GLU A 185 -37.76 18.31 -2.62
N LEU A 186 -37.95 18.94 -1.47
CA LEU A 186 -39.24 19.51 -1.07
C LEU A 186 -39.65 20.71 -1.91
N ILE A 187 -38.70 21.56 -2.28
CA ILE A 187 -39.01 22.71 -3.12
C ILE A 187 -39.46 22.25 -4.51
N ARG A 188 -38.77 21.25 -5.07
CA ARG A 188 -39.16 20.65 -6.34
C ARG A 188 -40.59 20.13 -6.31
N MET A 189 -40.97 19.49 -5.21
CA MET A 189 -42.36 19.11 -4.97
C MET A 189 -43.25 20.35 -5.06
N ILE A 190 -42.94 21.34 -4.23
CA ILE A 190 -43.68 22.60 -4.16
C ILE A 190 -43.88 23.28 -5.53
N LYS A 191 -42.85 23.23 -6.38
CA LYS A 191 -42.93 23.84 -7.71
C LYS A 191 -43.81 23.02 -8.66
N GLY A 205 -53.84 11.25 -8.12
CA GLY A 205 -52.45 11.47 -7.70
C GLY A 205 -52.33 12.20 -6.37
N ARG A 206 -52.93 11.65 -5.32
CA ARG A 206 -52.80 12.19 -3.97
C ARG A 206 -51.82 11.34 -3.13
N ARG A 207 -51.03 10.53 -3.81
CA ARG A 207 -49.85 9.91 -3.22
C ARG A 207 -48.76 10.97 -3.10
N THR A 208 -49.00 12.11 -3.74
CA THR A 208 -48.18 13.32 -3.60
C THR A 208 -48.25 13.81 -2.16
N ARG A 209 -49.45 13.78 -1.56
CA ARG A 209 -49.66 14.22 -0.20
C ARG A 209 -48.80 13.44 0.80
N ILE A 210 -48.79 12.12 0.69
CA ILE A 210 -47.99 11.29 1.60
C ILE A 210 -46.49 11.39 1.31
N ALA A 211 -46.13 11.38 0.04
CA ALA A 211 -44.72 11.53 -0.37
C ALA A 211 -44.14 12.87 0.07
N TYR A 212 -45.02 13.85 0.24
CA TYR A 212 -44.65 15.15 0.81
C TYR A 212 -44.49 15.02 2.33
N GLU A 213 -45.43 14.31 2.95
CA GLU A 213 -45.42 14.09 4.40
C GLU A 213 -44.27 13.18 4.82
N ARG A 214 -43.93 12.22 3.96
CA ARG A 214 -42.83 11.29 4.21
C ARG A 214 -41.50 12.04 4.26
N MET A 215 -41.32 13.01 3.37
CA MET A 215 -40.10 13.79 3.31
C MET A 215 -39.95 14.81 4.43
N CYS A 216 -41.08 15.32 4.91
CA CYS A 216 -41.08 16.25 6.03
C CYS A 216 -40.66 15.54 7.30
N ASN A 217 -41.11 14.30 7.46
CA ASN A 217 -40.75 13.50 8.64
C ASN A 217 -39.29 13.05 8.60
N ILE A 218 -38.79 12.74 7.40
CA ILE A 218 -37.37 12.42 7.22
C ILE A 218 -36.54 13.62 7.68
N LEU A 219 -36.89 14.80 7.18
CA LEU A 219 -36.18 16.05 7.51
C LEU A 219 -36.29 16.39 8.99
N LYS A 220 -37.47 16.15 9.57
CA LYS A 220 -37.71 16.43 10.99
C LYS A 220 -36.84 15.54 11.87
N GLY A 221 -36.64 14.30 11.44
CA GLY A 221 -35.81 13.35 12.17
C GLY A 221 -34.37 13.83 12.28
N LYS A 222 -33.97 14.63 11.30
CA LYS A 222 -32.59 15.10 11.19
C LYS A 222 -32.28 16.31 12.05
N PHE A 223 -33.28 17.14 12.31
CA PHE A 223 -33.09 18.32 13.16
C PHE A 223 -32.97 17.93 14.63
N GLN A 224 -31.96 18.50 15.28
CA GLN A 224 -31.62 18.14 16.66
C GLN A 224 -32.24 19.08 17.70
N THR A 225 -32.86 20.17 17.24
CA THR A 225 -33.55 21.09 18.15
C THR A 225 -35.06 21.02 17.93
N ALA A 226 -35.81 21.31 18.99
CA ALA A 226 -37.28 21.25 18.95
C ALA A 226 -37.87 22.33 18.06
N ALA A 227 -37.27 23.52 18.10
CA ALA A 227 -37.73 24.66 17.29
C ALA A 227 -37.64 24.39 15.78
N GLN A 228 -36.53 23.80 15.34
CA GLN A 228 -36.37 23.43 13.95
C GLN A 228 -37.39 22.35 13.57
N ARG A 229 -37.59 21.40 14.48
CA ARG A 229 -38.56 20.31 14.30
C ARG A 229 -39.98 20.84 14.17
N THR A 230 -40.34 21.77 15.05
CA THR A 230 -41.66 22.41 15.05
C THR A 230 -41.94 23.12 13.73
N MET A 231 -40.93 23.78 13.17
CA MET A 231 -41.08 24.50 11.91
C MET A 231 -41.39 23.53 10.77
N VAL A 232 -40.79 22.35 10.82
CA VAL A 232 -41.04 21.31 9.82
C VAL A 232 -42.49 20.82 9.89
N ASP A 233 -43.03 20.74 11.12
CA ASP A 233 -44.45 20.42 11.32
C ASP A 233 -45.33 21.44 10.63
N GLN A 234 -44.98 22.72 10.74
CA GLN A 234 -45.74 23.81 10.12
C GLN A 234 -45.72 23.75 8.59
N VAL A 235 -44.62 23.25 8.03
CA VAL A 235 -44.51 23.03 6.59
C VAL A 235 -45.33 21.79 6.18
N ARG A 236 -45.30 20.76 7.03
CA ARG A 236 -46.02 19.51 6.78
C ARG A 236 -47.53 19.67 6.97
N GLU A 237 -47.93 20.35 8.03
CA GLU A 237 -49.35 20.55 8.37
C GLU A 237 -50.07 21.39 7.32
N SER A 238 -49.32 22.22 6.61
CA SER A 238 -49.85 23.12 5.59
C SER A 238 -50.66 22.41 4.51
N ARG A 239 -51.76 23.04 4.10
CA ARG A 239 -52.54 22.58 2.95
C ARG A 239 -52.18 23.45 1.75
N ASN A 240 -52.12 22.82 0.57
CA ASN A 240 -51.72 23.50 -0.68
C ASN A 240 -50.39 24.26 -0.56
N PRO A 241 -49.27 23.50 -0.48
CA PRO A 241 -47.93 24.09 -0.21
C PRO A 241 -47.48 25.10 -1.28
N GLY A 242 -47.03 26.27 -0.83
CA GLY A 242 -46.67 27.36 -1.74
C GLY A 242 -45.40 28.10 -1.36
N ASN A 243 -45.51 29.41 -1.19
CA ASN A 243 -44.34 30.26 -0.95
C ASN A 243 -43.89 30.36 0.50
N ALA A 244 -44.85 30.40 1.43
CA ALA A 244 -44.53 30.44 2.85
C ALA A 244 -43.67 29.22 3.21
N GLU A 245 -44.05 28.06 2.66
CA GLU A 245 -43.31 26.82 2.86
C GLU A 245 -41.91 26.90 2.25
N PHE A 246 -41.81 27.45 1.05
CA PHE A 246 -40.52 27.69 0.41
C PHE A 246 -39.65 28.57 1.30
N GLU A 247 -40.20 29.73 1.67
CA GLU A 247 -39.51 30.68 2.55
C GLU A 247 -38.98 30.01 3.83
N ASP A 248 -39.81 29.15 4.41
CA ASP A 248 -39.48 28.44 5.64
C ASP A 248 -38.35 27.43 5.45
N LEU A 249 -38.39 26.69 4.34
CA LEU A 249 -37.40 25.66 4.07
C LEU A 249 -36.03 26.27 3.78
N ILE A 250 -36.02 27.43 3.13
CA ILE A 250 -34.78 28.17 2.91
C ILE A 250 -34.18 28.63 4.24
N PHE A 251 -35.05 29.03 5.17
CA PHE A 251 -34.64 29.43 6.52
C PHE A 251 -33.99 28.23 7.22
N LEU A 252 -34.72 27.11 7.23
CA LEU A 252 -34.28 25.89 7.91
C LEU A 252 -32.95 25.37 7.37
N ALA A 253 -32.78 25.44 6.06
CA ALA A 253 -31.52 25.07 5.42
C ALA A 253 -30.39 25.92 5.97
N ARG A 254 -30.58 27.24 5.98
CA ARG A 254 -29.58 28.19 6.46
C ARG A 254 -29.17 27.91 7.91
N SER A 255 -30.16 27.67 8.77
CA SER A 255 -29.94 27.37 10.19
C SER A 255 -29.15 26.10 10.42
N ALA A 256 -29.28 25.16 9.48
CA ALA A 256 -28.61 23.86 9.57
C ALA A 256 -27.10 23.96 9.33
N LEU A 257 -26.63 25.15 8.96
CA LEU A 257 -25.20 25.39 8.81
C LEU A 257 -24.55 25.58 10.18
N ILE A 258 -25.31 26.17 11.11
CA ILE A 258 -24.83 26.38 12.48
C ILE A 258 -25.44 25.35 13.43
N LEU A 259 -26.77 25.27 13.47
CA LEU A 259 -27.47 24.23 14.21
C LEU A 259 -27.62 23.00 13.32
N ARG A 260 -26.49 22.29 13.12
CA ARG A 260 -26.39 21.17 12.18
C ARG A 260 -27.35 20.01 12.45
N GLY A 261 -27.79 19.35 11.37
CA GLY A 261 -28.71 18.23 11.47
C GLY A 261 -27.99 16.90 11.60
N SER A 262 -28.72 15.87 12.07
CA SER A 262 -28.18 14.52 12.20
C SER A 262 -28.18 13.79 10.86
N VAL A 263 -27.01 13.71 10.24
CA VAL A 263 -26.86 13.04 8.96
C VAL A 263 -25.89 11.86 9.10
N ALA A 264 -26.33 10.70 8.64
CA ALA A 264 -25.53 9.48 8.69
C ALA A 264 -24.38 9.48 7.68
N HIS A 265 -23.29 8.82 8.03
CA HIS A 265 -22.16 8.68 7.11
C HIS A 265 -21.76 7.21 7.05
N LYS A 266 -21.59 6.72 5.83
CA LYS A 266 -21.28 5.32 5.62
C LYS A 266 -20.13 5.15 4.64
N SER A 267 -19.05 4.51 5.09
CA SER A 267 -17.98 4.15 4.19
C SER A 267 -18.47 3.09 3.23
N CYS A 268 -18.54 3.46 1.95
CA CYS A 268 -19.04 2.56 0.93
C CYS A 268 -18.03 2.52 -0.21
N LEU A 269 -17.42 1.36 -0.41
CA LEU A 269 -16.32 1.21 -1.35
C LEU A 269 -16.80 0.72 -2.71
N PRO A 270 -16.02 1.00 -3.77
CA PRO A 270 -16.34 0.43 -5.09
C PRO A 270 -16.43 -1.09 -5.01
N ALA A 271 -17.30 -1.65 -5.86
CA ALA A 271 -17.62 -3.08 -5.83
C ALA A 271 -16.42 -4.00 -6.07
N CYS A 272 -15.36 -3.46 -6.68
CA CYS A 272 -14.15 -4.24 -6.93
C CYS A 272 -13.39 -4.56 -5.65
N VAL A 273 -13.45 -3.66 -4.67
CA VAL A 273 -12.76 -3.85 -3.39
C VAL A 273 -13.38 -5.01 -2.60
N TYR A 274 -14.72 -5.09 -2.64
CA TYR A 274 -15.48 -6.16 -1.98
C TYR A 274 -15.28 -7.53 -2.64
N GLY A 275 -15.40 -7.55 -3.97
CA GLY A 275 -15.20 -8.77 -4.75
C GLY A 275 -13.80 -9.32 -4.62
N SER A 276 -12.82 -8.42 -4.70
CA SER A 276 -11.42 -8.76 -4.55
C SER A 276 -11.15 -9.50 -3.23
N ALA A 277 -11.81 -9.05 -2.16
CA ALA A 277 -11.64 -9.64 -0.84
C ALA A 277 -12.24 -11.05 -0.80
N VAL A 278 -13.50 -11.15 -1.23
CA VAL A 278 -14.20 -12.44 -1.29
C VAL A 278 -13.36 -13.44 -2.08
N ALA A 279 -12.82 -12.99 -3.20
CA ALA A 279 -12.01 -13.84 -4.07
C ALA A 279 -10.75 -14.31 -3.36
N SER A 280 -10.15 -13.41 -2.57
CA SER A 280 -8.89 -13.73 -1.90
C SER A 280 -9.08 -14.62 -0.67
N GLY A 281 -10.33 -14.78 -0.25
CA GLY A 281 -10.67 -15.72 0.81
C GLY A 281 -11.17 -15.12 2.10
N TYR A 282 -11.63 -13.87 2.03
CA TYR A 282 -12.23 -13.22 3.20
C TYR A 282 -13.69 -13.59 3.27
N ASP A 283 -14.15 -13.90 4.48
CA ASP A 283 -15.54 -14.30 4.68
C ASP A 283 -16.32 -13.22 5.43
N PHE A 284 -17.05 -12.40 4.67
CA PHE A 284 -17.79 -11.27 5.25
C PHE A 284 -18.96 -11.68 6.16
N GLU A 285 -19.48 -12.89 5.94
CA GLU A 285 -20.58 -13.40 6.76
C GLU A 285 -20.12 -13.96 8.10
N ARG A 286 -18.98 -14.64 8.09
CA ARG A 286 -18.39 -15.17 9.33
C ARG A 286 -17.80 -14.04 10.18
N GLU A 287 -17.10 -13.11 9.52
CA GLU A 287 -16.44 -12.01 10.22
C GLU A 287 -17.39 -10.87 10.54
N GLY A 288 -18.51 -10.81 9.82
CA GLY A 288 -19.40 -9.66 9.91
C GLY A 288 -18.74 -8.44 9.30
N TYR A 289 -19.45 -7.31 9.29
CA TYR A 289 -18.92 -6.10 8.69
C TYR A 289 -19.62 -4.85 9.24
N SER A 290 -18.92 -3.73 9.20
CA SER A 290 -19.48 -2.45 9.64
C SER A 290 -19.16 -1.35 8.62
N LEU A 291 -20.10 -0.45 8.43
CA LEU A 291 -19.89 0.69 7.53
C LEU A 291 -19.34 1.88 8.32
N VAL A 292 -19.54 1.84 9.62
CA VAL A 292 -19.19 2.96 10.49
C VAL A 292 -18.10 2.63 11.50
N GLY A 293 -17.59 1.40 11.47
CA GLY A 293 -16.52 0.99 12.37
C GLY A 293 -15.16 0.98 11.72
N ILE A 294 -14.30 0.08 12.18
CA ILE A 294 -12.93 -0.07 11.67
C ILE A 294 -12.90 -0.82 10.33
N ASP A 295 -13.92 -1.67 10.11
CA ASP A 295 -13.93 -2.63 8.99
C ASP A 295 -13.54 -2.04 7.62
N PRO A 296 -14.22 -0.95 7.16
CA PRO A 296 -13.85 -0.36 5.88
C PRO A 296 -12.42 0.18 5.81
N PHE A 297 -11.93 0.76 6.90
CA PHE A 297 -10.54 1.20 6.98
C PHE A 297 -9.59 0.00 6.84
N ARG A 298 -9.94 -1.09 7.53
CA ARG A 298 -9.16 -2.32 7.56
C ARG A 298 -9.12 -2.98 6.18
N LEU A 299 -10.26 -2.95 5.50
CA LEU A 299 -10.35 -3.52 4.17
C LEU A 299 -9.54 -2.71 3.17
N LEU A 300 -9.63 -1.39 3.25
CA LEU A 300 -8.86 -0.52 2.37
C LEU A 300 -7.34 -0.67 2.59
N GLN A 301 -6.98 -1.07 3.81
CA GLN A 301 -5.59 -1.28 4.16
C GLN A 301 -5.07 -2.58 3.54
N ASN A 302 -5.97 -3.48 3.19
CA ASN A 302 -5.61 -4.75 2.56
C ASN A 302 -6.00 -4.84 1.08
N SER A 303 -6.39 -3.72 0.50
CA SER A 303 -6.82 -3.68 -0.90
C SER A 303 -5.92 -2.84 -1.78
N GLN A 304 -5.92 -3.16 -3.08
CA GLN A 304 -5.19 -2.38 -4.08
C GLN A 304 -6.08 -2.09 -5.28
N VAL A 305 -6.55 -0.85 -5.36
CA VAL A 305 -7.39 -0.39 -6.46
C VAL A 305 -6.53 0.41 -7.44
N TYR A 306 -6.96 0.46 -8.69
CA TYR A 306 -6.25 1.20 -9.72
C TYR A 306 -7.17 2.22 -10.37
N SER A 307 -6.57 3.25 -10.97
CA SER A 307 -7.32 4.22 -11.77
C SER A 307 -6.56 4.62 -13.03
N LEU A 308 -7.31 4.83 -14.11
CA LEU A 308 -6.78 5.41 -15.32
C LEU A 308 -6.56 6.90 -15.07
N ILE A 309 -5.35 7.36 -15.35
CA ILE A 309 -4.97 8.75 -15.09
C ILE A 309 -4.54 9.50 -16.36
N ARG A 310 -5.11 10.68 -16.54
CA ARG A 310 -4.86 11.55 -17.69
C ARG A 310 -3.45 12.19 -17.64
N PRO A 311 -3.02 12.85 -18.73
CA PRO A 311 -1.63 13.33 -18.87
C PRO A 311 -1.19 14.33 -17.80
N ASN A 312 -1.95 15.40 -17.61
CA ASN A 312 -1.54 16.43 -16.65
C ASN A 312 -1.94 16.17 -15.20
N GLU A 313 -2.78 15.17 -14.98
CA GLU A 313 -3.31 14.86 -13.66
C GLU A 313 -2.24 14.32 -12.69
N ASN A 314 -2.45 14.58 -11.40
CA ASN A 314 -1.58 14.07 -10.33
C ASN A 314 -2.22 12.84 -9.67
N PRO A 315 -1.52 11.68 -9.71
CA PRO A 315 -2.03 10.44 -9.11
C PRO A 315 -2.31 10.55 -7.61
N ALA A 316 -1.53 11.39 -6.91
CA ALA A 316 -1.74 11.64 -5.49
C ALA A 316 -3.09 12.32 -5.28
N HIS A 317 -3.44 13.23 -6.17
CA HIS A 317 -4.70 13.97 -6.07
C HIS A 317 -5.93 13.15 -6.43
N LYS A 318 -5.82 12.28 -7.44
CA LYS A 318 -6.87 11.31 -7.75
C LYS A 318 -7.15 10.45 -6.52
N SER A 319 -6.07 10.08 -5.82
CA SER A 319 -6.16 9.23 -4.64
C SER A 319 -6.97 9.87 -3.51
N GLN A 320 -6.71 11.15 -3.23
CA GLN A 320 -7.45 11.87 -2.21
C GLN A 320 -8.95 11.88 -2.49
N LEU A 321 -9.31 12.15 -3.75
CA LEU A 321 -10.70 12.21 -4.17
C LEU A 321 -11.46 10.91 -3.88
N VAL A 322 -10.86 9.78 -4.24
CA VAL A 322 -11.50 8.48 -4.04
C VAL A 322 -11.48 8.09 -2.56
N TRP A 323 -10.44 8.54 -1.85
CA TRP A 323 -10.36 8.35 -0.41
C TRP A 323 -11.50 9.11 0.28
N MET A 324 -11.67 10.38 -0.07
CA MET A 324 -12.75 11.19 0.46
C MET A 324 -14.10 10.53 0.21
N ALA A 325 -14.31 10.11 -1.03
CA ALA A 325 -15.53 9.42 -1.44
C ALA A 325 -15.80 8.14 -0.64
N CYS A 326 -14.73 7.41 -0.33
CA CYS A 326 -14.85 6.12 0.35
C CYS A 326 -15.32 6.26 1.78
N HIS A 327 -14.92 7.34 2.44
CA HIS A 327 -15.29 7.56 3.85
C HIS A 327 -16.29 8.68 4.01
N SER A 328 -16.96 9.05 2.91
CA SER A 328 -18.08 10.00 2.91
C SER A 328 -17.70 11.34 3.55
N ALA A 329 -16.54 11.87 3.14
CA ALA A 329 -15.92 13.00 3.83
C ALA A 329 -15.72 14.25 2.95
N ALA A 330 -16.57 14.41 1.94
CA ALA A 330 -16.51 15.57 1.05
C ALA A 330 -16.73 16.90 1.80
N PHE A 331 -17.53 16.87 2.85
CA PHE A 331 -17.86 18.08 3.61
C PHE A 331 -17.33 18.04 5.05
N GLU A 332 -16.47 17.07 5.33
CA GLU A 332 -15.78 16.99 6.62
C GLU A 332 -14.63 17.98 6.62
N ASP A 333 -14.39 18.61 7.78
CA ASP A 333 -13.25 19.51 7.99
C ASP A 333 -11.97 18.89 7.41
N LEU A 334 -11.26 19.69 6.63
CA LEU A 334 -10.02 19.27 5.98
C LEU A 334 -8.93 18.93 6.99
N ARG A 335 -8.92 19.65 8.11
CA ARG A 335 -7.98 19.38 9.20
C ARG A 335 -8.12 17.94 9.71
N VAL A 336 -9.32 17.55 10.12
CA VAL A 336 -9.57 16.19 10.65
C VAL A 336 -9.35 15.09 9.60
N SER A 337 -9.75 15.35 8.35
CA SER A 337 -9.47 14.43 7.26
C SER A 337 -7.97 14.20 7.15
N SER A 338 -7.20 15.28 7.10
CA SER A 338 -5.74 15.25 7.00
C SER A 338 -5.10 14.44 8.13
N PHE A 339 -5.52 14.73 9.35
CA PHE A 339 -4.99 14.05 10.53
C PHE A 339 -5.24 12.55 10.48
N ILE A 340 -6.41 12.16 9.99
CA ILE A 340 -6.76 10.76 9.85
C ILE A 340 -5.97 10.09 8.73
N ARG A 341 -6.02 10.68 7.54
CA ARG A 341 -5.31 10.12 6.38
C ARG A 341 -3.80 10.04 6.61
N GLY A 342 -3.24 11.09 7.21
CA GLY A 342 -1.80 11.14 7.46
C GLY A 342 -1.07 12.09 6.53
N THR A 343 -1.55 12.18 5.29
CA THR A 343 -1.05 13.17 4.34
C THR A 343 -2.11 14.26 4.19
N LYS A 344 -1.67 15.44 3.74
CA LYS A 344 -2.54 16.61 3.61
C LYS A 344 -3.71 16.36 2.67
N VAL A 345 -4.91 16.67 3.13
CA VAL A 345 -6.11 16.60 2.31
C VAL A 345 -6.40 18.01 1.80
N VAL A 346 -6.10 18.20 0.53
CA VAL A 346 -6.08 19.50 -0.12
C VAL A 346 -7.45 19.87 -0.69
N PRO A 347 -7.83 21.17 -0.64
CA PRO A 347 -9.10 21.68 -1.21
C PRO A 347 -9.31 21.31 -2.69
N ARG A 348 -10.58 21.25 -3.11
CA ARG A 348 -10.94 20.85 -4.49
C ARG A 348 -10.25 21.71 -5.55
N GLY A 349 -10.19 23.01 -5.31
CA GLY A 349 -9.57 23.95 -6.24
C GLY A 349 -8.07 23.81 -6.39
N LYS A 350 -7.42 23.14 -5.44
CA LYS A 350 -5.98 22.91 -5.50
C LYS A 350 -5.65 21.50 -6.01
N LEU A 351 -6.69 20.71 -6.28
CA LEU A 351 -6.51 19.36 -6.80
C LEU A 351 -6.24 19.38 -8.30
N SER A 352 -5.10 18.83 -8.71
CA SER A 352 -4.74 18.72 -10.12
C SER A 352 -5.35 17.46 -10.73
N THR A 353 -6.68 17.39 -10.70
CA THR A 353 -7.39 16.19 -11.15
C THR A 353 -8.80 16.49 -11.64
N ARG A 354 -9.23 15.78 -12.68
CA ARG A 354 -10.62 15.79 -13.10
C ARG A 354 -11.33 14.53 -12.55
N GLY A 355 -12.56 14.32 -12.96
CA GLY A 355 -13.37 13.18 -12.50
C GLY A 355 -12.77 11.81 -12.73
N VAL A 356 -13.23 10.83 -11.95
CA VAL A 356 -12.76 9.45 -12.05
C VAL A 356 -13.12 8.86 -13.41
N GLN A 357 -14.35 9.10 -13.86
CA GLN A 357 -14.87 8.56 -15.11
C GLN A 357 -14.22 9.19 -16.33
N ILE A 358 -14.17 8.43 -17.42
CA ILE A 358 -13.53 8.89 -18.64
C ILE A 358 -14.52 8.85 -19.79
N ALA A 359 -14.85 10.04 -20.29
CA ALA A 359 -15.81 10.21 -21.38
C ALA A 359 -15.33 9.52 -22.65
N SER A 360 -16.29 9.12 -23.49
CA SER A 360 -16.00 8.48 -24.77
C SER A 360 -15.27 9.42 -25.73
N ASN A 361 -15.38 10.72 -25.45
CA ASN A 361 -14.63 11.76 -26.16
C ASN A 361 -13.14 11.45 -26.26
N GLU A 362 -12.44 11.61 -25.14
CA GLU A 362 -10.97 11.55 -25.11
C GLU A 362 -10.37 10.23 -25.57
N ASN A 363 -9.19 10.32 -26.18
CA ASN A 363 -8.51 9.14 -26.73
C ASN A 363 -7.69 8.40 -25.69
N MET A 364 -7.72 7.08 -25.78
CA MET A 364 -7.10 6.20 -24.81
C MET A 364 -5.58 6.14 -24.94
N GLU A 365 -5.07 6.54 -26.11
CA GLU A 365 -3.64 6.38 -26.43
C GLU A 365 -2.67 7.05 -25.44
N THR A 366 -3.17 7.98 -24.64
CA THR A 366 -2.37 8.67 -23.61
C THR A 366 -2.80 8.38 -22.17
N MET A 367 -3.74 7.43 -22.01
CA MET A 367 -4.17 7.03 -20.68
C MET A 367 -3.20 6.01 -20.06
N GLU A 368 -2.79 6.28 -18.83
CA GLU A 368 -1.90 5.38 -18.08
C GLU A 368 -2.58 4.97 -16.76
N SER A 369 -2.03 3.95 -16.10
CA SER A 369 -2.67 3.36 -14.93
C SER A 369 -1.87 3.52 -13.62
N SER A 370 -2.44 4.26 -12.68
CA SER A 370 -1.81 4.48 -11.38
C SER A 370 -2.52 3.74 -10.25
N THR A 371 -1.77 3.39 -9.21
CA THR A 371 -2.29 2.79 -8.00
C THR A 371 -2.90 3.88 -7.12
N LEU A 372 -4.18 3.71 -6.76
CA LEU A 372 -4.86 4.65 -5.87
C LEU A 372 -4.48 4.42 -4.42
N GLU A 373 -3.91 5.44 -3.78
CA GLU A 373 -3.55 5.35 -2.36
C GLU A 373 -4.78 5.66 -1.50
N LEU A 374 -5.32 4.63 -0.87
CA LEU A 374 -6.56 4.77 -0.12
C LEU A 374 -6.42 4.37 1.36
N ARG A 375 -5.20 4.11 1.78
CA ARG A 375 -4.90 3.75 3.17
C ARG A 375 -4.90 5.00 4.05
N SER A 376 -4.72 4.81 5.36
CA SER A 376 -4.90 5.88 6.31
C SER A 376 -3.98 5.69 7.52
N ARG A 377 -3.47 6.80 8.07
CA ARG A 377 -2.63 6.74 9.26
C ARG A 377 -3.40 6.24 10.47
N TYR A 378 -4.57 6.84 10.72
CA TYR A 378 -5.47 6.40 11.79
C TYR A 378 -6.82 5.98 11.24
N TRP A 379 -7.75 5.69 12.15
CA TRP A 379 -9.14 5.48 11.78
C TRP A 379 -10.06 6.15 12.79
N ALA A 380 -11.29 6.40 12.39
CA ALA A 380 -12.28 7.03 13.25
C ALA A 380 -13.66 6.50 12.95
N ILE A 381 -14.52 6.49 13.97
CA ILE A 381 -15.89 6.05 13.81
C ILE A 381 -16.65 7.10 13.01
N ARG A 382 -17.37 6.64 11.98
CA ARG A 382 -18.26 7.52 11.21
C ARG A 382 -19.54 7.79 12.00
N THR A 383 -19.95 9.06 12.04
CA THR A 383 -21.04 9.48 12.92
C THR A 383 -22.35 9.85 12.22
N ARG A 384 -23.46 9.70 12.95
CA ARG A 384 -24.79 10.17 12.53
C ARG A 384 -25.04 11.56 13.10
N SER A 385 -24.19 11.98 14.03
CA SER A 385 -24.37 13.23 14.77
C SER A 385 -24.03 14.47 13.93
N GLY A 386 -24.63 15.59 14.30
CA GLY A 386 -24.32 16.87 13.70
C GLY A 386 -23.43 17.69 14.61
N GLY A 387 -23.26 17.21 15.84
CA GLY A 387 -22.52 17.94 16.87
C GLY A 387 -23.46 18.59 17.87
N ASN A 388 -22.90 19.40 18.77
CA ASN A 388 -23.72 20.15 19.75
C ASN A 388 -24.55 21.25 19.11
N THR A 389 -25.85 21.20 19.35
CA THR A 389 -26.79 22.17 18.80
C THR A 389 -27.47 22.98 19.90
N ASN A 390 -27.25 22.56 21.15
CA ASN A 390 -27.74 23.31 22.30
C ASN A 390 -27.01 22.94 23.58
N GLN A 391 -27.53 21.94 24.29
CA GLN A 391 -27.11 21.60 25.66
C GLN A 391 -27.32 22.78 26.62
N GLN A 392 -26.67 23.91 26.31
CA GLN A 392 -26.70 25.16 27.12
C GLN A 392 -25.86 25.10 28.40
N ARG A 393 -25.71 23.89 28.97
CA ARG A 393 -25.09 23.68 30.29
C ARG A 393 -23.69 24.30 30.43
N ALA A 394 -23.64 25.37 31.24
CA ALA A 394 -22.41 26.14 31.50
C ALA A 394 -21.80 26.77 30.24
N SER A 395 -20.48 26.91 30.24
CA SER A 395 -19.71 27.43 29.10
C SER A 395 -18.24 27.07 29.27
N SER A 396 -17.61 27.66 30.28
CA SER A 396 -16.17 27.47 30.60
C SER A 396 -15.22 27.94 29.49
N GLY A 397 -14.54 29.06 29.74
CA GLY A 397 -13.60 29.64 28.77
C GLY A 397 -13.17 31.05 29.14
N GLN A 398 -12.53 31.72 28.19
CA GLN A 398 -12.02 33.08 28.35
C GLN A 398 -12.15 33.82 27.02
N ILE A 399 -12.65 35.05 27.07
CA ILE A 399 -12.94 35.82 25.85
C ILE A 399 -12.34 37.23 25.83
N SER A 400 -11.56 37.55 26.87
CA SER A 400 -10.90 38.85 26.99
C SER A 400 -9.66 38.72 27.89
N ILE A 401 -8.81 39.73 27.89
CA ILE A 401 -7.66 39.78 28.80
C ILE A 401 -7.72 40.99 29.72
N GLN A 402 -7.11 40.87 30.89
CA GLN A 402 -6.92 41.99 31.79
C GLN A 402 -5.43 42.30 31.83
N PRO A 403 -5.05 43.51 31.40
CA PRO A 403 -3.63 43.88 31.31
C PRO A 403 -2.96 43.85 32.68
N THR A 404 -1.81 43.18 32.76
CA THR A 404 -1.04 43.13 33.99
C THR A 404 0.18 44.05 33.92
N PHE A 405 0.77 44.15 32.73
CA PHE A 405 1.99 44.92 32.55
C PHE A 405 1.73 46.13 31.67
N SER A 406 2.32 47.25 32.05
CA SER A 406 2.30 48.47 31.26
C SER A 406 3.19 48.29 30.03
N VAL A 407 2.59 47.79 28.96
CA VAL A 407 3.32 47.48 27.73
C VAL A 407 2.43 47.86 26.55
N GLN A 408 2.99 48.60 25.59
CA GLN A 408 2.24 48.97 24.40
C GLN A 408 1.82 47.73 23.63
N ARG A 409 0.53 47.64 23.34
CA ARG A 409 -0.07 46.50 22.67
C ARG A 409 -1.57 46.71 22.50
N ASN A 410 -2.18 45.93 21.61
CA ASN A 410 -3.62 45.84 21.54
C ASN A 410 -4.15 44.97 22.67
N LEU A 411 -5.42 45.13 23.01
CA LEU A 411 -6.02 44.33 24.07
C LEU A 411 -7.15 43.48 23.51
N PRO A 412 -6.86 42.22 23.16
CA PRO A 412 -7.76 41.29 22.46
C PRO A 412 -9.07 41.03 23.20
N PHE A 413 -10.13 40.81 22.43
CA PHE A 413 -11.41 40.34 22.96
C PHE A 413 -12.27 39.72 21.86
N ASP A 414 -13.04 38.70 22.22
CA ASP A 414 -13.95 38.07 21.27
C ASP A 414 -15.17 38.96 21.02
N ARG A 415 -15.07 39.80 19.98
CA ARG A 415 -16.11 40.78 19.67
C ARG A 415 -17.47 40.14 19.37
N PRO A 416 -17.50 39.13 18.48
CA PRO A 416 -18.79 38.51 18.19
C PRO A 416 -19.53 38.04 19.44
N THR A 417 -18.82 37.31 20.31
CA THR A 417 -19.41 36.68 21.50
C THR A 417 -19.86 37.68 22.55
N ILE A 418 -19.03 38.68 22.84
CA ILE A 418 -19.36 39.70 23.84
C ILE A 418 -20.55 40.55 23.38
N MET A 419 -20.52 41.01 22.14
CA MET A 419 -21.59 41.83 21.58
C MET A 419 -22.88 41.05 21.31
N ALA A 420 -22.75 39.73 21.12
CA ALA A 420 -23.88 38.85 20.83
C ALA A 420 -25.05 39.02 21.80
N ALA A 421 -24.74 39.03 23.09
CA ALA A 421 -25.77 39.04 24.14
C ALA A 421 -26.53 40.38 24.30
N PHE A 422 -26.52 41.20 23.25
CA PHE A 422 -27.28 42.46 23.25
C PHE A 422 -28.08 42.60 21.95
N ASP A 432 -42.05 33.58 16.04
CA ASP A 432 -41.98 32.99 17.38
C ASP A 432 -40.97 31.84 17.39
N MET A 433 -41.17 30.88 16.49
CA MET A 433 -40.24 29.76 16.36
C MET A 433 -39.04 30.17 15.49
N ARG A 434 -39.26 31.15 14.62
CA ARG A 434 -38.20 31.71 13.78
C ARG A 434 -37.18 32.45 14.64
N THR A 435 -37.67 33.30 15.55
CA THR A 435 -36.81 34.07 16.45
C THR A 435 -36.08 33.18 17.45
N GLU A 436 -36.76 32.13 17.93
CA GLU A 436 -36.15 31.16 18.83
C GLU A 436 -34.91 30.54 18.19
N ILE A 437 -34.99 30.28 16.88
CA ILE A 437 -33.85 29.75 16.13
C ILE A 437 -32.77 30.83 15.95
N ILE A 438 -33.13 31.99 15.42
CA ILE A 438 -32.20 33.12 15.32
C ILE A 438 -31.44 33.31 16.64
N ARG A 439 -32.18 33.43 17.73
CA ARG A 439 -31.62 33.61 19.07
C ARG A 439 -30.70 32.46 19.47
N LEU A 440 -30.98 31.28 18.92
CA LEU A 440 -30.22 30.09 19.28
C LEU A 440 -28.94 29.96 18.47
N MET A 441 -28.99 30.22 17.18
CA MET A 441 -27.80 30.13 16.34
C MET A 441 -26.87 31.33 16.55
N GLU A 442 -27.44 32.45 16.99
CA GLU A 442 -26.65 33.61 17.37
C GLU A 442 -25.80 33.35 18.61
N SER A 443 -26.23 32.41 19.45
CA SER A 443 -25.49 32.00 20.64
C SER A 443 -24.30 31.11 20.31
N ALA A 444 -24.29 30.54 19.11
CA ALA A 444 -23.25 29.60 18.73
C ALA A 444 -21.99 30.31 18.30
N ARG A 445 -20.85 29.71 18.62
CA ARG A 445 -19.53 30.22 18.24
C ARG A 445 -18.80 29.14 17.46
N PRO A 446 -18.02 29.54 16.43
CA PRO A 446 -17.14 28.60 15.71
C PRO A 446 -16.20 27.82 16.63
N GLU A 447 -15.98 28.34 17.84
CA GLU A 447 -15.04 27.76 18.78
C GLU A 447 -15.64 26.63 19.63
N ASP A 448 -16.96 26.51 19.63
CA ASP A 448 -17.67 25.49 20.42
C ASP A 448 -17.19 24.10 20.00
N VAL A 449 -16.85 23.28 21.00
CA VAL A 449 -16.31 21.95 20.74
C VAL A 449 -17.39 20.88 20.77
N SER A 450 -17.43 20.06 19.72
CA SER A 450 -18.34 18.92 19.64
C SER A 450 -17.55 17.62 19.79
N PHE A 451 -18.26 16.54 20.11
CA PHE A 451 -17.68 15.19 20.24
C PHE A 451 -16.61 15.09 21.31
N GLN A 452 -16.86 15.71 22.47
CA GLN A 452 -15.92 15.65 23.59
C GLN A 452 -15.57 14.21 23.97
N GLY A 453 -14.28 13.97 24.20
CA GLY A 453 -13.82 12.66 24.65
C GLY A 453 -13.54 11.70 23.52
N ARG A 454 -14.17 11.95 22.37
CA ARG A 454 -14.04 11.12 21.19
C ARG A 454 -12.78 11.46 20.40
N GLY A 455 -12.09 10.42 19.90
CA GLY A 455 -10.86 10.59 19.14
C GLY A 455 -10.62 9.56 18.05
N VAL A 456 -9.43 9.58 17.48
CA VAL A 456 -9.05 8.62 16.43
C VAL A 456 -8.36 7.39 17.03
N PHE A 457 -8.16 6.36 16.23
CA PHE A 457 -7.60 5.11 16.74
C PHE A 457 -6.51 4.56 15.83
N GLU A 458 -5.56 3.85 16.43
CA GLU A 458 -4.56 3.07 15.71
C GLU A 458 -5.27 1.91 15.01
N LEU A 459 -4.74 1.50 13.87
CA LEU A 459 -5.31 0.39 13.12
C LEU A 459 -5.24 -0.92 13.88
N SER A 460 -4.45 -0.94 14.94
CA SER A 460 -4.30 -2.09 15.82
C SER A 460 -5.31 -2.07 16.97
N ASP A 461 -5.88 -0.90 17.24
CA ASP A 461 -6.89 -0.72 18.28
C ASP A 461 -8.28 -0.96 17.67
N GLU A 462 -8.54 -2.22 17.31
CA GLU A 462 -9.82 -2.58 16.66
C GLU A 462 -11.02 -2.57 17.62
N LYS A 463 -10.74 -2.57 18.93
CA LYS A 463 -11.79 -2.51 19.93
C LYS A 463 -12.13 -1.07 20.32
N ALA A 464 -11.43 -0.11 19.71
CA ALA A 464 -11.57 1.33 20.00
C ALA A 464 -11.43 1.64 21.50
N THR A 465 -10.39 1.06 22.11
CA THR A 465 -10.16 1.18 23.55
C THR A 465 -9.41 2.46 23.94
N SER A 466 -8.45 2.89 23.13
CA SER A 466 -7.59 4.02 23.45
C SER A 466 -7.60 5.13 22.38
N PRO A 467 -8.53 6.09 22.50
CA PRO A 467 -8.67 7.19 21.53
C PRO A 467 -7.56 8.23 21.59
N ILE A 468 -7.25 8.83 20.44
CA ILE A 468 -6.30 9.93 20.35
C ILE A 468 -7.07 11.19 19.98
N VAL A 469 -7.09 12.18 20.89
CA VAL A 469 -7.73 13.46 20.62
C VAL A 469 -6.72 14.43 19.99
N PRO A 470 -6.98 14.87 18.74
CA PRO A 470 -6.05 15.75 18.02
C PRO A 470 -6.11 17.21 18.48
N SER A 471 -5.01 17.91 18.28
CA SER A 471 -4.89 19.32 18.62
C SER A 471 -4.55 20.14 17.37
N PHE A 472 -5.20 21.30 17.24
CA PHE A 472 -4.99 22.16 16.08
C PHE A 472 -4.63 23.58 16.55
N GLY A 478 -6.75 25.23 5.82
CA GLY A 478 -8.17 25.55 5.84
C GLY A 478 -9.05 24.38 6.24
N SER A 479 -10.37 24.60 6.18
CA SER A 479 -11.35 23.60 6.62
C SER A 479 -12.33 23.15 5.54
N TYR A 480 -12.59 24.02 4.56
CA TYR A 480 -13.61 23.75 3.55
C TYR A 480 -13.03 23.22 2.26
N PHE A 481 -13.54 22.06 1.84
CA PHE A 481 -13.11 21.41 0.60
C PHE A 481 -13.56 22.22 -0.62
N PHE A 482 -14.73 22.82 -0.53
CA PHE A 482 -15.31 23.59 -1.63
C PHE A 482 -15.18 25.11 -1.44
N GLY A 483 -14.31 25.53 -0.54
CA GLY A 483 -14.11 26.97 -0.28
C GLY A 483 -12.86 27.52 -0.93
N ASP A 484 -12.66 27.20 -2.21
CA ASP A 484 -11.43 27.57 -2.91
C ASP A 484 -11.61 27.61 -4.43
N ASN A 485 -12.44 28.54 -4.90
CA ASN A 485 -12.66 28.72 -6.34
C ASN A 485 -12.38 30.14 -6.81
N ALA A 486 -12.63 30.38 -8.10
CA ALA A 486 -12.32 31.65 -8.75
C ALA A 486 -13.21 32.83 -8.28
N GLU A 487 -14.32 32.51 -7.62
CA GLU A 487 -15.26 33.52 -7.13
C GLU A 487 -15.06 33.89 -5.65
N GLU A 488 -14.65 32.90 -4.84
CA GLU A 488 -14.48 33.09 -3.39
C GLU A 488 -13.29 32.31 -2.82
N TYR A 489 -12.64 32.90 -1.81
CA TYR A 489 -11.53 32.23 -1.12
C TYR A 489 -11.89 31.98 0.34
N ASP A 490 -12.45 30.80 0.64
CA ASP A 490 -12.88 30.48 2.02
C ASP A 490 -11.93 29.48 2.69
N ALA B 15 19.92 -6.41 -24.32
CA ALA B 15 18.97 -7.01 -25.30
C ALA B 15 17.59 -7.25 -24.68
N THR B 16 16.59 -7.39 -25.53
CA THR B 16 15.24 -7.76 -25.11
C THR B 16 15.23 -9.24 -24.74
N GLU B 17 16.08 -10.01 -25.44
CA GLU B 17 16.23 -11.45 -25.19
C GLU B 17 16.77 -11.75 -23.80
N ILE B 18 17.80 -11.00 -23.39
CA ILE B 18 18.36 -11.09 -22.04
C ILE B 18 17.27 -10.80 -21.03
N ARG B 19 16.41 -9.85 -21.38
CA ARG B 19 15.31 -9.43 -20.54
C ARG B 19 14.13 -10.41 -20.59
N ALA B 20 14.05 -11.19 -21.67
CA ALA B 20 12.94 -12.11 -21.88
C ALA B 20 13.19 -13.50 -21.30
N SER B 21 14.46 -13.88 -21.20
CA SER B 21 14.81 -15.15 -20.57
C SER B 21 14.69 -15.03 -19.05
N VAL B 22 15.00 -13.84 -18.53
CA VAL B 22 14.83 -13.57 -17.09
C VAL B 22 13.34 -13.56 -16.74
N GLY B 23 12.54 -12.97 -17.62
CA GLY B 23 11.09 -12.98 -17.46
C GLY B 23 10.47 -14.36 -17.58
N LYS B 24 11.17 -15.25 -18.27
CA LYS B 24 10.71 -16.62 -18.45
C LYS B 24 10.81 -17.45 -17.17
N MET B 25 11.86 -17.22 -16.39
CA MET B 25 12.05 -18.00 -15.17
C MET B 25 11.13 -17.52 -14.04
N ILE B 26 10.90 -16.22 -13.98
CA ILE B 26 9.95 -15.63 -13.02
C ILE B 26 8.53 -16.11 -13.33
N ASP B 27 8.20 -16.20 -14.62
CA ASP B 27 6.95 -16.84 -15.05
C ASP B 27 6.88 -18.26 -14.50
N GLY B 28 7.99 -18.98 -14.59
CA GLY B 28 8.09 -20.36 -14.12
C GLY B 28 7.86 -20.50 -12.63
N ILE B 29 8.64 -19.73 -11.85
CA ILE B 29 8.50 -19.69 -10.39
C ILE B 29 7.06 -19.32 -10.01
N GLY B 30 6.56 -18.23 -10.57
CA GLY B 30 5.17 -17.80 -10.37
C GLY B 30 4.18 -18.93 -10.59
N ARG B 31 4.21 -19.51 -11.79
CA ARG B 31 3.31 -20.59 -12.17
C ARG B 31 3.43 -21.81 -11.25
N PHE B 32 4.65 -22.08 -10.79
CA PHE B 32 4.89 -23.17 -9.86
C PHE B 32 4.25 -22.92 -8.50
N TYR B 33 4.41 -21.70 -8.01
CA TYR B 33 3.87 -21.33 -6.71
C TYR B 33 2.35 -21.38 -6.71
N ILE B 34 1.76 -20.99 -7.84
CA ILE B 34 0.30 -21.02 -8.01
C ILE B 34 -0.20 -22.46 -7.87
N GLN B 35 0.44 -23.36 -8.60
CA GLN B 35 0.08 -24.77 -8.56
C GLN B 35 0.19 -25.33 -7.14
N MET B 36 1.33 -25.07 -6.51
CA MET B 36 1.60 -25.52 -5.15
C MET B 36 0.50 -25.10 -4.17
N CYS B 37 0.03 -23.87 -4.30
CA CYS B 37 -1.03 -23.32 -3.44
C CYS B 37 -2.37 -24.03 -3.61
N THR B 38 -2.71 -24.37 -4.86
CA THR B 38 -3.96 -25.09 -5.14
C THR B 38 -3.89 -26.49 -4.54
N GLU B 39 -2.70 -27.09 -4.59
CA GLU B 39 -2.46 -28.40 -3.98
C GLU B 39 -2.61 -28.36 -2.47
N LEU B 40 -2.06 -27.31 -1.87
CA LEU B 40 -2.13 -27.15 -0.41
C LEU B 40 -3.47 -26.54 0.03
N LYS B 41 -4.38 -26.40 -0.94
CA LYS B 41 -5.69 -25.79 -0.72
C LYS B 41 -5.60 -24.52 0.11
N LEU B 42 -4.69 -23.62 -0.29
CA LEU B 42 -4.47 -22.37 0.42
C LEU B 42 -5.32 -21.25 -0.14
N SER B 43 -5.83 -20.43 0.77
CA SER B 43 -6.47 -19.17 0.44
C SER B 43 -5.43 -18.25 -0.23
N ASP B 44 -5.91 -17.30 -1.03
CA ASP B 44 -5.02 -16.33 -1.66
C ASP B 44 -4.23 -15.55 -0.60
N TYR B 45 -4.93 -14.99 0.39
CA TYR B 45 -4.29 -14.33 1.54
C TYR B 45 -3.22 -15.23 2.18
N GLU B 46 -3.63 -16.45 2.55
CA GLU B 46 -2.72 -17.45 3.11
C GLU B 46 -1.53 -17.73 2.20
N GLY B 47 -1.78 -17.73 0.89
CA GLY B 47 -0.74 -17.93 -0.10
C GLY B 47 0.26 -16.79 -0.17
N ARG B 48 -0.15 -15.62 0.30
CA ARG B 48 0.71 -14.43 0.30
C ARG B 48 1.32 -14.18 1.68
N LEU B 49 1.24 -15.18 2.55
CA LEU B 49 1.94 -15.14 3.82
C LEU B 49 3.38 -15.55 3.56
N ILE B 50 4.32 -14.64 3.84
CA ILE B 50 5.74 -14.88 3.58
C ILE B 50 6.21 -16.21 4.16
N GLN B 51 5.58 -16.63 5.26
CA GLN B 51 5.95 -17.85 5.97
C GLN B 51 5.68 -19.11 5.14
N ASN B 52 4.51 -19.20 4.54
CA ASN B 52 4.17 -20.30 3.64
C ASN B 52 5.05 -20.28 2.39
N SER B 53 5.27 -19.07 1.87
CA SER B 53 6.09 -18.88 0.68
C SER B 53 7.45 -19.55 0.85
N LEU B 54 8.05 -19.33 2.03
CA LEU B 54 9.34 -19.93 2.36
C LEU B 54 9.30 -21.46 2.43
N THR B 55 8.28 -22.00 3.12
CA THR B 55 8.11 -23.45 3.22
C THR B 55 8.01 -24.07 1.83
N ILE B 56 7.11 -23.53 1.01
CA ILE B 56 6.94 -23.93 -0.38
C ILE B 56 8.26 -23.82 -1.16
N GLU B 57 8.96 -22.69 -0.99
CA GLU B 57 10.27 -22.49 -1.60
C GLU B 57 11.29 -23.52 -1.11
N ARG B 58 11.22 -23.85 0.18
CA ARG B 58 12.14 -24.80 0.79
C ARG B 58 11.86 -26.21 0.33
N MET B 59 10.60 -26.48 0.00
CA MET B 59 10.19 -27.79 -0.50
C MET B 59 10.84 -28.15 -1.84
N VAL B 60 10.71 -27.28 -2.84
CA VAL B 60 11.27 -27.50 -4.17
C VAL B 60 12.76 -27.78 -4.12
N LEU B 61 13.49 -26.93 -3.40
CA LEU B 61 14.94 -27.05 -3.31
C LEU B 61 15.35 -28.36 -2.67
N SER B 62 14.57 -28.81 -1.70
CA SER B 62 14.80 -30.10 -1.04
C SER B 62 14.60 -31.28 -1.99
N ALA B 63 13.59 -31.16 -2.85
CA ALA B 63 13.27 -32.20 -3.83
C ALA B 63 14.36 -32.34 -4.89
N PHE B 64 15.03 -31.23 -5.20
CA PHE B 64 16.09 -31.20 -6.20
C PHE B 64 17.48 -31.23 -5.57
N ASP B 65 17.51 -31.40 -4.26
CA ASP B 65 18.77 -31.58 -3.54
C ASP B 65 19.22 -33.02 -3.73
N GLU B 66 19.91 -33.27 -4.83
CA GLU B 66 20.31 -34.62 -5.25
C GLU B 66 21.18 -35.32 -4.20
N ARG B 67 22.13 -34.58 -3.63
CA ARG B 67 23.02 -35.09 -2.58
C ARG B 67 22.25 -35.70 -1.41
N ARG B 68 21.28 -34.94 -0.87
CA ARG B 68 20.40 -35.42 0.20
C ARG B 68 19.54 -36.60 -0.26
N ASN B 69 19.16 -36.58 -1.53
CA ASN B 69 18.36 -37.66 -2.11
C ASN B 69 19.17 -38.93 -2.40
N LYS B 70 20.41 -38.75 -2.86
CA LYS B 70 21.33 -39.87 -3.08
C LYS B 70 21.65 -40.56 -1.76
N TYR B 71 21.86 -39.74 -0.73
CA TYR B 71 22.12 -40.22 0.63
C TYR B 71 20.95 -41.03 1.18
N LEU B 72 19.73 -40.48 1.04
CA LEU B 72 18.52 -41.13 1.56
C LEU B 72 18.19 -42.43 0.84
N GLU B 73 18.68 -42.56 -0.40
CA GLU B 73 18.54 -43.79 -1.18
C GLU B 73 19.41 -44.92 -0.62
N GLU B 74 20.31 -44.55 0.29
CA GLU B 74 21.26 -45.49 0.89
C GLU B 74 21.00 -45.66 2.39
N HIS B 75 20.70 -44.55 3.07
CA HIS B 75 20.59 -44.55 4.52
C HIS B 75 19.17 -44.18 5.00
N PRO B 76 18.38 -45.21 5.40
CA PRO B 76 17.06 -44.97 5.98
C PRO B 76 17.14 -44.51 7.45
N LYS B 80 11.82 -41.50 9.19
CA LYS B 80 12.26 -40.49 8.22
C LYS B 80 11.21 -40.23 7.14
N ASP B 81 10.97 -41.24 6.30
CA ASP B 81 10.17 -41.14 5.06
C ASP B 81 10.96 -40.41 3.96
N PRO B 82 11.81 -41.17 3.22
CA PRO B 82 12.80 -40.59 2.29
C PRO B 82 12.19 -39.95 1.04
N LYS B 83 11.05 -40.47 0.59
CA LYS B 83 10.43 -39.99 -0.64
C LYS B 83 9.70 -38.67 -0.44
N LYS B 84 9.46 -38.30 0.82
CA LYS B 84 8.70 -37.10 1.15
C LYS B 84 9.57 -35.95 1.66
N THR B 85 9.00 -34.75 1.63
CA THR B 85 9.66 -33.55 2.15
C THR B 85 8.61 -32.62 2.72
N GLY B 86 8.99 -31.83 3.73
CA GLY B 86 8.00 -31.05 4.44
C GLY B 86 8.38 -29.63 4.81
N GLY B 87 7.86 -29.20 5.96
CA GLY B 87 7.99 -27.83 6.43
C GLY B 87 6.63 -27.38 6.93
N PRO B 88 6.59 -26.29 7.72
CA PRO B 88 5.31 -25.81 8.25
C PRO B 88 4.50 -24.95 7.26
N ILE B 89 3.24 -25.33 7.04
CA ILE B 89 2.28 -24.49 6.34
C ILE B 89 1.37 -23.87 7.37
N TYR B 90 0.89 -22.65 7.09
CA TYR B 90 0.07 -21.90 8.04
C TYR B 90 -1.33 -21.61 7.50
N ARG B 91 -2.32 -21.75 8.36
CA ARG B 91 -3.71 -21.43 8.01
C ARG B 91 -4.40 -20.66 9.12
N ARG B 92 -5.45 -19.92 8.77
CA ARG B 92 -6.32 -19.32 9.75
C ARG B 92 -7.57 -20.19 9.89
N VAL B 93 -7.76 -20.75 11.08
CA VAL B 93 -8.89 -21.64 11.38
C VAL B 93 -9.46 -21.25 12.74
N ASP B 94 -10.79 -21.03 12.76
CA ASP B 94 -11.52 -20.63 13.98
C ASP B 94 -10.93 -19.37 14.61
N GLY B 95 -10.74 -18.34 13.78
CA GLY B 95 -10.24 -17.04 14.23
C GLY B 95 -8.79 -17.01 14.69
N LYS B 96 -8.07 -18.11 14.49
CA LYS B 96 -6.69 -18.22 14.95
C LYS B 96 -5.79 -18.88 13.92
N TRP B 97 -4.51 -18.52 13.97
CA TRP B 97 -3.51 -19.13 13.09
C TRP B 97 -3.11 -20.52 13.57
N ARG B 98 -2.97 -21.45 12.62
CA ARG B 98 -2.61 -22.83 12.91
C ARG B 98 -1.39 -23.25 12.11
N ARG B 99 -0.35 -23.68 12.80
CA ARG B 99 0.83 -24.26 12.16
C ARG B 99 0.61 -25.75 11.97
N GLU B 100 1.05 -26.30 10.84
CA GLU B 100 0.93 -27.72 10.57
C GLU B 100 2.13 -28.19 9.74
N LEU B 101 2.71 -29.31 10.13
CA LEU B 101 3.76 -29.94 9.34
C LEU B 101 3.10 -30.73 8.22
N ILE B 102 3.32 -30.29 6.98
CA ILE B 102 2.79 -30.96 5.79
C ILE B 102 3.91 -31.73 5.10
N LEU B 103 3.69 -33.03 4.88
CA LEU B 103 4.64 -33.84 4.11
C LEU B 103 4.15 -34.05 2.69
N TYR B 104 5.05 -33.87 1.73
CA TYR B 104 4.71 -33.94 0.31
C TYR B 104 5.71 -34.79 -0.46
N ASP B 105 5.19 -35.62 -1.36
CA ASP B 105 5.98 -36.51 -2.21
C ASP B 105 6.92 -35.72 -3.13
N LYS B 106 8.23 -35.99 -3.01
CA LYS B 106 9.25 -35.22 -3.73
C LYS B 106 9.09 -35.27 -5.25
N GLU B 107 8.85 -36.46 -5.79
CA GLU B 107 8.70 -36.64 -7.24
C GLU B 107 7.55 -35.78 -7.77
N GLU B 108 6.46 -35.71 -7.00
CA GLU B 108 5.33 -34.86 -7.37
C GLU B 108 5.70 -33.37 -7.34
N ILE B 109 6.58 -32.97 -6.42
CA ILE B 109 7.09 -31.60 -6.39
C ILE B 109 7.91 -31.33 -7.65
N ARG B 110 8.83 -32.25 -7.95
CA ARG B 110 9.70 -32.16 -9.14
C ARG B 110 8.92 -32.13 -10.46
N ARG B 111 7.84 -32.91 -10.52
CA ARG B 111 6.98 -32.93 -11.69
C ARG B 111 6.33 -31.56 -11.88
N ILE B 112 5.77 -31.02 -10.79
CA ILE B 112 5.09 -29.72 -10.80
C ILE B 112 6.05 -28.57 -11.16
N TRP B 113 7.30 -28.68 -10.72
CA TRP B 113 8.30 -27.71 -11.10
C TRP B 113 8.53 -27.73 -12.62
N ARG B 114 8.89 -28.90 -13.15
CA ARG B 114 9.12 -29.07 -14.58
C ARG B 114 7.91 -28.64 -15.40
N GLN B 115 6.73 -29.07 -14.97
CA GLN B 115 5.48 -28.74 -15.67
C GLN B 115 5.26 -27.23 -15.71
N ALA B 116 5.59 -26.55 -14.61
CA ALA B 116 5.48 -25.08 -14.55
C ALA B 116 6.66 -24.37 -15.23
N ASN B 117 7.63 -25.14 -15.69
CA ASN B 117 8.74 -24.60 -16.46
C ASN B 117 8.82 -25.26 -17.84
N ASN B 118 7.66 -25.78 -18.27
CA ASN B 118 7.50 -26.42 -19.58
C ASN B 118 8.50 -27.55 -19.82
N GLY B 119 8.36 -28.61 -19.02
CA GLY B 119 9.19 -29.80 -19.14
C GLY B 119 10.64 -29.64 -18.75
N ASP B 120 11.12 -28.40 -18.63
CA ASP B 120 12.52 -28.15 -18.29
C ASP B 120 12.75 -28.14 -16.78
N ASP B 121 13.87 -28.75 -16.36
CA ASP B 121 14.24 -28.76 -14.95
C ASP B 121 14.71 -27.38 -14.46
N ALA B 122 15.03 -26.49 -15.41
CA ALA B 122 15.26 -25.06 -15.18
C ALA B 122 15.85 -24.71 -13.81
N THR B 123 17.13 -25.06 -13.61
CA THR B 123 17.78 -24.85 -12.32
C THR B 123 18.12 -23.38 -12.02
N ALA B 124 18.00 -22.52 -13.03
CA ALA B 124 18.19 -21.08 -12.83
C ALA B 124 17.04 -20.49 -12.02
N GLY B 125 15.87 -21.11 -12.12
CA GLY B 125 14.69 -20.74 -11.34
C GLY B 125 14.87 -21.11 -9.88
N LEU B 126 15.41 -22.32 -9.66
CA LEU B 126 15.73 -22.80 -8.32
C LEU B 126 16.82 -21.95 -7.67
N THR B 127 17.85 -21.60 -8.44
CA THR B 127 18.95 -20.75 -7.96
C THR B 127 18.46 -19.36 -7.54
N HIS B 128 17.45 -18.86 -8.25
CA HIS B 128 16.89 -17.55 -7.96
C HIS B 128 16.35 -17.51 -6.52
N MET B 129 15.60 -18.53 -6.16
CA MET B 129 15.01 -18.65 -4.84
C MET B 129 16.06 -18.83 -3.75
N MET B 130 17.16 -19.49 -4.10
CA MET B 130 18.30 -19.66 -3.19
C MET B 130 18.96 -18.33 -2.87
N ILE B 131 19.05 -17.46 -3.87
CA ILE B 131 19.63 -16.13 -3.70
C ILE B 131 18.73 -15.27 -2.82
N TRP B 132 17.42 -15.41 -3.01
CA TRP B 132 16.43 -14.76 -2.13
C TRP B 132 16.66 -15.14 -0.67
N HIS B 133 16.76 -16.45 -0.38
CA HIS B 133 17.02 -16.92 0.98
C HIS B 133 18.37 -16.41 1.51
N SER B 134 19.38 -16.41 0.64
CA SER B 134 20.70 -15.88 0.97
C SER B 134 20.64 -14.38 1.30
N ASN B 135 19.83 -13.64 0.54
CA ASN B 135 19.59 -12.23 0.83
C ASN B 135 18.90 -12.05 2.18
N LEU B 136 17.98 -12.96 2.47
CA LEU B 136 17.22 -12.93 3.73
C LEU B 136 18.11 -13.29 4.91
N ASN B 137 19.02 -14.24 4.71
CA ASN B 137 19.95 -14.65 5.76
C ASN B 137 20.93 -13.55 6.14
N ASP B 138 21.37 -12.79 5.15
CA ASP B 138 22.29 -11.68 5.36
C ASP B 138 21.62 -10.49 6.05
N ALA B 139 20.30 -10.41 5.94
CA ALA B 139 19.52 -9.36 6.58
C ALA B 139 19.27 -9.67 8.06
N THR B 140 19.14 -10.96 8.37
CA THR B 140 18.73 -11.39 9.72
C THR B 140 19.91 -11.59 10.68
N TYR B 141 20.88 -12.40 10.27
CA TYR B 141 21.99 -12.78 11.16
C TYR B 141 23.34 -12.27 10.69
N GLN B 142 24.07 -11.61 11.59
CA GLN B 142 25.50 -11.40 11.43
C GLN B 142 26.18 -12.71 11.82
N ARG B 143 27.04 -13.23 10.95
CA ARG B 143 27.57 -14.57 11.14
C ARG B 143 29.03 -14.60 11.61
N THR B 144 29.23 -14.22 12.88
CA THR B 144 30.56 -14.15 13.49
C THR B 144 31.18 -15.53 13.77
N ARG B 145 30.35 -16.49 14.18
CA ARG B 145 30.82 -17.84 14.51
C ARG B 145 31.47 -18.56 13.32
N ALA B 146 30.89 -18.41 12.14
CA ALA B 146 31.43 -18.99 10.91
C ALA B 146 32.80 -18.37 10.60
N LEU B 147 32.89 -17.05 10.77
CA LEU B 147 34.11 -16.28 10.48
C LEU B 147 35.30 -16.65 11.37
N VAL B 148 35.06 -16.71 12.68
CA VAL B 148 36.13 -17.02 13.65
C VAL B 148 36.65 -18.45 13.49
N ARG B 149 35.76 -19.37 13.14
CA ARG B 149 36.10 -20.78 12.96
C ARG B 149 37.03 -20.99 11.77
N THR B 150 36.87 -20.16 10.74
CA THR B 150 37.71 -20.22 9.55
C THR B 150 39.06 -19.57 9.79
N GLY B 151 39.12 -18.71 10.81
CA GLY B 151 40.34 -18.00 11.17
C GLY B 151 40.42 -16.59 10.62
N MET B 152 39.26 -15.99 10.32
CA MET B 152 39.19 -14.59 9.87
C MET B 152 38.43 -13.69 10.86
N ASP B 153 38.52 -12.38 10.63
CA ASP B 153 37.93 -11.38 11.52
C ASP B 153 36.39 -11.38 11.45
N PRO B 154 35.70 -11.48 12.61
CA PRO B 154 34.25 -11.33 12.65
C PRO B 154 33.77 -9.97 12.12
N ARG B 155 34.68 -9.01 12.04
CA ARG B 155 34.37 -7.67 11.53
C ARG B 155 34.22 -7.65 10.00
N MET B 156 34.74 -8.70 9.34
CA MET B 156 34.68 -8.82 7.88
C MET B 156 33.27 -9.16 7.40
N CYS B 157 32.34 -9.17 8.34
CA CYS B 157 30.90 -9.14 8.15
C CYS B 157 30.40 -8.72 6.75
N SER B 158 30.89 -7.58 6.26
CA SER B 158 30.35 -6.94 5.05
C SER B 158 30.74 -7.58 3.71
N LEU B 159 31.66 -8.55 3.75
CA LEU B 159 32.13 -9.23 2.56
C LEU B 159 31.55 -10.65 2.46
N MET B 160 30.49 -10.90 3.22
CA MET B 160 29.98 -12.26 3.40
C MET B 160 28.67 -12.53 2.67
N GLN B 161 28.37 -11.74 1.64
CA GLN B 161 27.19 -11.98 0.82
C GLN B 161 27.28 -13.36 0.16
N GLY B 162 26.24 -14.16 0.33
CA GLY B 162 26.15 -15.48 -0.29
C GLY B 162 26.91 -16.59 0.42
N SER B 163 27.35 -16.32 1.64
CA SER B 163 28.08 -17.33 2.41
C SER B 163 27.22 -18.54 2.79
N THR B 164 25.91 -18.32 2.92
CA THR B 164 24.96 -19.38 3.26
C THR B 164 24.52 -20.19 2.03
N LEU B 165 25.07 -19.86 0.87
CA LEU B 165 24.83 -20.60 -0.36
C LEU B 165 25.78 -21.79 -0.48
N PRO B 166 25.42 -22.80 -1.30
CA PRO B 166 26.31 -23.91 -1.66
C PRO B 166 27.56 -23.46 -2.42
N ARG B 167 28.62 -24.27 -2.33
CA ARG B 167 29.88 -24.03 -3.05
C ARG B 167 29.67 -24.00 -4.57
N ARG B 168 28.94 -24.99 -5.08
CA ARG B 168 28.49 -25.00 -6.47
C ARG B 168 27.05 -24.51 -6.51
N SER B 169 26.87 -23.27 -7.00
CA SER B 169 25.57 -22.61 -6.91
C SER B 169 25.11 -21.97 -8.23
N GLY B 170 25.79 -22.32 -9.33
CA GLY B 170 25.46 -21.77 -10.64
C GLY B 170 26.16 -20.46 -10.92
N ALA B 171 25.98 -19.96 -12.13
CA ALA B 171 26.60 -18.71 -12.56
C ALA B 171 26.04 -17.50 -11.81
N ALA B 172 24.73 -17.51 -11.58
CA ALA B 172 24.08 -16.43 -10.84
C ALA B 172 24.54 -16.40 -9.38
N GLY B 173 24.55 -17.58 -8.76
CA GLY B 173 24.98 -17.74 -7.37
C GLY B 173 26.41 -17.34 -7.13
N ALA B 174 27.29 -17.70 -8.07
CA ALA B 174 28.71 -17.34 -8.01
C ALA B 174 28.91 -15.83 -8.13
N ALA B 175 28.09 -15.21 -8.99
CA ALA B 175 28.14 -13.77 -9.21
C ALA B 175 27.75 -12.98 -7.97
N VAL B 176 26.81 -13.54 -7.21
CA VAL B 176 26.25 -12.88 -6.03
C VAL B 176 27.21 -12.91 -4.83
N LYS B 177 28.02 -13.96 -4.74
CA LYS B 177 28.93 -14.16 -3.60
C LYS B 177 29.96 -13.05 -3.44
N GLY B 178 30.11 -12.56 -2.21
CA GLY B 178 31.09 -11.52 -1.88
C GLY B 178 32.51 -12.05 -1.84
N VAL B 179 33.46 -11.14 -1.60
CA VAL B 179 34.88 -11.50 -1.55
C VAL B 179 35.19 -12.46 -0.41
N GLY B 180 34.77 -12.09 0.81
CA GLY B 180 35.00 -12.90 2.01
C GLY B 180 34.38 -14.28 1.96
N THR B 181 33.26 -14.39 1.23
CA THR B 181 32.60 -15.67 0.98
C THR B 181 33.54 -16.61 0.23
N MET B 182 34.18 -16.07 -0.82
CA MET B 182 35.09 -16.85 -1.66
C MET B 182 36.33 -17.23 -0.87
N VAL B 183 36.84 -16.27 -0.09
CA VAL B 183 38.01 -16.47 0.76
C VAL B 183 37.75 -17.61 1.76
N MET B 184 36.60 -17.54 2.44
CA MET B 184 36.18 -18.57 3.40
C MET B 184 36.10 -19.95 2.75
N GLU B 185 35.52 -20.02 1.55
CA GLU B 185 35.45 -21.25 0.77
C GLU B 185 36.84 -21.80 0.47
N LEU B 186 37.74 -20.91 0.05
CA LEU B 186 39.11 -21.27 -0.28
C LEU B 186 39.89 -21.74 0.96
N ILE B 187 39.85 -20.95 2.02
CA ILE B 187 40.53 -21.29 3.28
C ILE B 187 40.04 -22.63 3.83
N ARG B 188 38.73 -22.87 3.74
CA ARG B 188 38.16 -24.16 4.10
C ARG B 188 38.84 -25.30 3.35
N MET B 189 39.02 -25.10 2.03
CA MET B 189 39.66 -26.10 1.17
C MET B 189 41.16 -26.25 1.46
N ILE B 190 41.87 -25.13 1.56
CA ILE B 190 43.29 -25.13 1.89
C ILE B 190 43.56 -25.90 3.18
N LYS B 191 42.81 -25.57 4.23
CA LYS B 191 42.95 -26.23 5.53
C LYS B 191 42.49 -27.69 5.53
N ARG B 192 41.72 -28.08 4.51
CA ARG B 192 41.18 -29.44 4.43
C ARG B 192 42.20 -30.44 3.91
N ARG B 207 42.21 -33.55 -10.20
CA ARG B 207 40.91 -34.10 -9.87
C ARG B 207 39.95 -33.02 -9.33
N THR B 208 40.31 -32.41 -8.21
CA THR B 208 39.55 -31.29 -7.63
C THR B 208 40.44 -30.07 -7.38
N ARG B 209 41.59 -30.04 -8.05
CA ARG B 209 42.40 -28.83 -8.16
C ARG B 209 41.70 -27.87 -9.12
N ILE B 210 40.87 -28.44 -9.99
CA ILE B 210 40.02 -27.66 -10.90
C ILE B 210 39.00 -26.79 -10.15
N ALA B 211 38.38 -27.37 -9.10
CA ALA B 211 37.46 -26.65 -8.24
C ALA B 211 38.17 -25.54 -7.48
N TYR B 212 39.40 -25.82 -7.06
CA TYR B 212 40.27 -24.84 -6.40
C TYR B 212 40.63 -23.71 -7.36
N GLU B 213 41.03 -24.07 -8.58
CA GLU B 213 41.42 -23.08 -9.60
C GLU B 213 40.23 -22.29 -10.12
N ARG B 214 39.08 -22.93 -10.27
CA ARG B 214 37.86 -22.27 -10.73
C ARG B 214 37.39 -21.21 -9.75
N MET B 215 37.41 -21.56 -8.46
CA MET B 215 37.02 -20.65 -7.39
C MET B 215 37.97 -19.46 -7.30
N CYS B 216 39.25 -19.69 -7.61
CA CYS B 216 40.26 -18.62 -7.67
C CYS B 216 39.97 -17.62 -8.79
N ASN B 217 39.57 -18.13 -9.94
CA ASN B 217 39.15 -17.29 -11.07
C ASN B 217 37.92 -16.45 -10.70
N ILE B 218 36.95 -17.09 -10.05
CA ILE B 218 35.75 -16.43 -9.56
C ILE B 218 36.07 -15.40 -8.48
N LEU B 219 37.17 -15.63 -7.74
CA LEU B 219 37.65 -14.68 -6.76
C LEU B 219 38.39 -13.52 -7.43
N LYS B 220 39.25 -13.85 -8.39
CA LYS B 220 40.05 -12.86 -9.12
C LYS B 220 39.19 -11.91 -9.94
N GLY B 221 38.15 -12.46 -10.57
CA GLY B 221 37.20 -11.68 -11.36
C GLY B 221 36.47 -10.61 -10.57
N LYS B 222 36.36 -10.81 -9.26
CA LYS B 222 35.70 -9.85 -8.38
C LYS B 222 36.59 -8.66 -8.05
N PHE B 223 37.91 -8.86 -8.05
CA PHE B 223 38.87 -7.80 -7.72
C PHE B 223 39.05 -6.78 -8.84
N GLN B 224 38.90 -5.50 -8.49
CA GLN B 224 38.97 -4.42 -9.48
C GLN B 224 40.40 -3.95 -9.81
N THR B 225 41.26 -3.91 -8.79
CA THR B 225 42.65 -3.49 -8.97
C THR B 225 43.51 -4.63 -9.53
N ALA B 226 44.55 -4.26 -10.29
CA ALA B 226 45.46 -5.23 -10.87
C ALA B 226 46.43 -5.79 -9.82
N ALA B 227 46.69 -5.00 -8.78
CA ALA B 227 47.59 -5.38 -7.70
C ALA B 227 47.02 -6.50 -6.83
N GLN B 228 45.74 -6.39 -6.49
CA GLN B 228 45.02 -7.45 -5.78
C GLN B 228 44.86 -8.68 -6.67
N ARG B 229 44.64 -8.44 -7.97
CA ARG B 229 44.46 -9.50 -8.96
C ARG B 229 45.72 -10.36 -9.16
N THR B 230 46.89 -9.74 -9.01
CA THR B 230 48.17 -10.43 -9.13
C THR B 230 48.39 -11.41 -7.98
N MET B 231 48.23 -10.92 -6.75
CA MET B 231 48.35 -11.73 -5.54
C MET B 231 47.35 -12.89 -5.54
N VAL B 232 46.16 -12.65 -6.10
CA VAL B 232 45.14 -13.68 -6.26
C VAL B 232 45.54 -14.77 -7.26
N ASP B 233 46.50 -14.45 -8.13
CA ASP B 233 47.04 -15.44 -9.08
C ASP B 233 48.22 -16.22 -8.49
N GLN B 234 48.96 -15.59 -7.58
CA GLN B 234 50.04 -16.25 -6.86
C GLN B 234 49.48 -17.42 -6.03
N VAL B 235 48.35 -17.17 -5.39
CA VAL B 235 47.65 -18.19 -4.60
C VAL B 235 47.06 -19.26 -5.52
N ARG B 236 46.50 -18.82 -6.65
CA ARG B 236 45.93 -19.72 -7.67
C ARG B 236 47.00 -20.67 -8.19
N GLU B 237 48.16 -20.13 -8.55
CA GLU B 237 49.25 -20.92 -9.10
C GLU B 237 50.20 -21.39 -7.99
N SER B 238 49.76 -22.42 -7.27
CA SER B 238 50.53 -23.00 -6.17
C SER B 238 50.12 -24.44 -5.91
N ARG B 239 51.12 -25.29 -5.71
CA ARG B 239 50.87 -26.68 -5.31
C ARG B 239 50.98 -26.82 -3.79
N ASN B 240 50.01 -27.52 -3.21
CA ASN B 240 49.87 -27.70 -1.76
C ASN B 240 49.88 -26.38 -0.95
N PRO B 241 48.74 -25.66 -0.95
CA PRO B 241 48.62 -24.37 -0.26
C PRO B 241 48.55 -24.53 1.26
N GLY B 242 49.28 -23.68 1.99
CA GLY B 242 49.32 -23.76 3.45
C GLY B 242 49.31 -22.38 4.09
N ASN B 243 50.25 -22.15 5.01
CA ASN B 243 50.38 -20.87 5.73
C ASN B 243 50.38 -19.65 4.80
N ALA B 244 51.41 -19.53 3.97
CA ALA B 244 51.59 -18.37 3.08
C ALA B 244 50.39 -18.09 2.19
N GLU B 245 49.66 -19.14 1.82
CA GLU B 245 48.46 -19.02 1.01
C GLU B 245 47.25 -18.60 1.85
N PHE B 246 47.15 -19.18 3.05
CA PHE B 246 46.12 -18.78 4.02
C PHE B 246 46.34 -17.32 4.46
N GLU B 247 47.59 -16.97 4.72
CA GLU B 247 47.95 -15.62 5.17
C GLU B 247 47.66 -14.57 4.11
N ASP B 248 47.89 -14.93 2.85
CA ASP B 248 47.58 -14.06 1.72
C ASP B 248 46.09 -13.72 1.66
N LEU B 249 45.26 -14.76 1.58
CA LEU B 249 43.81 -14.62 1.50
C LEU B 249 43.21 -13.76 2.62
N ILE B 250 43.73 -13.92 3.84
CA ILE B 250 43.28 -13.14 4.99
C ILE B 250 43.59 -11.65 4.83
N PHE B 251 44.77 -11.35 4.28
CA PHE B 251 45.16 -9.96 3.99
C PHE B 251 44.41 -9.46 2.77
N LEU B 252 44.25 -10.35 1.79
CA LEU B 252 43.54 -10.05 0.55
C LEU B 252 42.06 -9.75 0.83
N ALA B 253 41.53 -10.41 1.85
CA ALA B 253 40.18 -10.13 2.34
C ALA B 253 40.15 -8.81 3.09
N ARG B 254 41.15 -8.58 3.94
CA ARG B 254 41.27 -7.34 4.71
C ARG B 254 41.34 -6.13 3.79
N SER B 255 42.07 -6.27 2.69
CA SER B 255 42.21 -5.21 1.69
C SER B 255 40.88 -4.87 1.01
N ALA B 256 40.03 -5.89 0.82
CA ALA B 256 38.75 -5.73 0.15
C ALA B 256 37.75 -4.86 0.90
N LEU B 257 38.06 -4.52 2.14
CA LEU B 257 37.24 -3.59 2.92
C LEU B 257 37.39 -2.17 2.39
N ILE B 258 38.62 -1.82 2.00
CA ILE B 258 38.91 -0.52 1.41
C ILE B 258 38.88 -0.63 -0.11
N LEU B 259 39.78 -1.44 -0.65
CA LEU B 259 39.82 -1.71 -2.09
C LEU B 259 38.80 -2.78 -2.42
N ARG B 260 37.53 -2.36 -2.44
CA ARG B 260 36.38 -3.26 -2.54
C ARG B 260 36.32 -4.09 -3.84
N GLY B 261 35.53 -5.16 -3.79
CA GLY B 261 35.39 -6.05 -4.93
C GLY B 261 34.11 -5.81 -5.72
N SER B 262 34.05 -6.43 -6.90
CA SER B 262 32.86 -6.39 -7.75
C SER B 262 31.94 -7.56 -7.41
N VAL B 263 30.95 -7.25 -6.58
CA VAL B 263 29.97 -8.22 -6.12
C VAL B 263 28.60 -7.85 -6.68
N ALA B 264 28.00 -8.79 -7.42
CA ALA B 264 26.68 -8.57 -8.01
C ALA B 264 25.57 -8.53 -6.96
N HIS B 265 24.63 -7.59 -7.13
CA HIS B 265 23.47 -7.47 -6.26
C HIS B 265 22.19 -7.65 -7.08
N LYS B 266 21.42 -8.69 -6.77
CA LYS B 266 20.17 -8.97 -7.47
C LYS B 266 18.97 -8.86 -6.54
N SER B 267 17.91 -8.21 -7.00
CA SER B 267 16.63 -8.17 -6.28
C SER B 267 15.81 -9.42 -6.56
N CYS B 268 15.83 -10.35 -5.61
CA CYS B 268 15.10 -11.61 -5.73
C CYS B 268 14.03 -11.67 -4.67
N LEU B 269 12.78 -11.77 -5.11
CA LEU B 269 11.63 -11.68 -4.21
C LEU B 269 11.10 -13.07 -3.81
N PRO B 270 10.30 -13.14 -2.74
CA PRO B 270 9.59 -14.37 -2.40
C PRO B 270 8.74 -14.87 -3.56
N ALA B 271 8.61 -16.18 -3.68
CA ALA B 271 7.90 -16.79 -4.80
C ALA B 271 6.43 -16.39 -4.85
N CYS B 272 5.87 -16.02 -3.69
CA CYS B 272 4.47 -15.60 -3.60
C CYS B 272 4.23 -14.31 -4.35
N VAL B 273 5.23 -13.42 -4.35
CA VAL B 273 5.15 -12.16 -5.07
C VAL B 273 5.00 -12.44 -6.56
N TYR B 274 5.88 -13.30 -7.08
CA TYR B 274 5.87 -13.71 -8.47
C TYR B 274 4.59 -14.47 -8.79
N GLY B 275 4.25 -15.43 -7.94
CA GLY B 275 3.03 -16.22 -8.09
C GLY B 275 1.80 -15.35 -8.19
N SER B 276 1.67 -14.40 -7.27
CA SER B 276 0.51 -13.50 -7.22
C SER B 276 0.36 -12.64 -8.48
N ALA B 277 1.48 -12.16 -9.01
CA ALA B 277 1.47 -11.32 -10.20
C ALA B 277 1.00 -12.08 -11.44
N VAL B 278 1.60 -13.25 -11.69
CA VAL B 278 1.17 -14.15 -12.76
C VAL B 278 -0.33 -14.40 -12.65
N ALA B 279 -0.77 -14.80 -11.46
CA ALA B 279 -2.18 -15.06 -11.17
C ALA B 279 -3.10 -13.88 -11.50
N SER B 280 -2.64 -12.67 -11.22
CA SER B 280 -3.44 -11.48 -11.50
C SER B 280 -3.42 -11.09 -12.98
N GLY B 281 -2.44 -11.61 -13.71
CA GLY B 281 -2.34 -11.38 -15.15
C GLY B 281 -1.14 -10.58 -15.63
N TYR B 282 -0.03 -10.65 -14.89
CA TYR B 282 1.21 -10.07 -15.39
C TYR B 282 1.97 -11.14 -16.15
N ASP B 283 2.38 -10.80 -17.37
CA ASP B 283 3.10 -11.74 -18.22
C ASP B 283 4.57 -11.36 -18.30
N PHE B 284 5.37 -12.01 -17.47
CA PHE B 284 6.79 -11.68 -17.35
C PHE B 284 7.59 -12.00 -18.61
N GLU B 285 7.23 -13.08 -19.29
CA GLU B 285 7.89 -13.44 -20.55
C GLU B 285 7.64 -12.36 -21.60
N ARG B 286 6.37 -11.98 -21.76
CA ARG B 286 5.97 -10.98 -22.74
C ARG B 286 6.48 -9.59 -22.36
N GLU B 287 6.30 -9.21 -21.10
CA GLU B 287 6.64 -7.86 -20.64
C GLU B 287 8.14 -7.73 -20.36
N GLY B 288 8.80 -8.86 -20.18
CA GLY B 288 10.22 -8.87 -19.79
C GLY B 288 10.36 -8.58 -18.30
N TYR B 289 11.58 -8.75 -17.77
CA TYR B 289 11.87 -8.53 -16.36
C TYR B 289 13.38 -8.47 -16.14
N SER B 290 13.80 -7.62 -15.20
CA SER B 290 15.20 -7.59 -14.77
C SER B 290 15.30 -7.67 -13.25
N LEU B 291 16.50 -7.96 -12.74
CA LEU B 291 16.73 -8.06 -11.30
C LEU B 291 17.49 -6.85 -10.77
N VAL B 292 17.88 -5.96 -11.69
CA VAL B 292 18.70 -4.80 -11.36
C VAL B 292 18.09 -3.48 -11.88
N GLY B 293 17.12 -3.60 -12.77
CA GLY B 293 16.39 -2.43 -13.29
C GLY B 293 15.28 -1.93 -12.37
N ILE B 294 14.30 -1.27 -12.96
CA ILE B 294 13.14 -0.75 -12.21
C ILE B 294 12.15 -1.86 -11.88
N ASP B 295 12.16 -2.92 -12.69
CA ASP B 295 11.18 -4.02 -12.61
C ASP B 295 10.78 -4.50 -11.21
N PRO B 296 11.75 -4.93 -10.37
CA PRO B 296 11.39 -5.46 -9.05
C PRO B 296 10.79 -4.38 -8.14
N PHE B 297 11.22 -3.14 -8.32
CA PHE B 297 10.61 -2.03 -7.60
C PHE B 297 9.15 -1.87 -8.01
N ARG B 298 8.89 -1.89 -9.32
CA ARG B 298 7.54 -1.78 -9.86
C ARG B 298 6.65 -2.89 -9.32
N LEU B 299 7.17 -4.12 -9.30
CA LEU B 299 6.40 -5.28 -8.86
C LEU B 299 5.96 -5.18 -7.39
N LEU B 300 6.87 -4.77 -6.51
CA LEU B 300 6.54 -4.62 -5.09
C LEU B 300 5.55 -3.49 -4.85
N GLN B 301 5.51 -2.53 -5.78
CA GLN B 301 4.53 -1.44 -5.76
C GLN B 301 3.11 -1.95 -6.01
N ASN B 302 3.02 -3.08 -6.70
CA ASN B 302 1.74 -3.70 -7.03
C ASN B 302 1.58 -5.05 -6.32
N SER B 303 2.31 -5.22 -5.24
CA SER B 303 2.25 -6.43 -4.44
C SER B 303 1.76 -6.11 -3.02
N GLN B 304 1.17 -7.11 -2.37
CA GLN B 304 0.83 -7.02 -0.96
C GLN B 304 1.21 -8.34 -0.29
N VAL B 305 2.32 -8.31 0.44
CA VAL B 305 2.84 -9.50 1.11
C VAL B 305 2.60 -9.41 2.62
N TYR B 306 2.18 -10.52 3.22
CA TYR B 306 1.90 -10.56 4.65
C TYR B 306 2.99 -11.29 5.41
N SER B 307 3.10 -10.99 6.70
CA SER B 307 3.95 -11.75 7.59
C SER B 307 3.26 -12.03 8.92
N LEU B 308 3.58 -13.17 9.53
CA LEU B 308 3.18 -13.42 10.89
C LEU B 308 4.12 -12.66 11.80
N ILE B 309 3.57 -12.14 12.89
CA ILE B 309 4.31 -11.24 13.78
C ILE B 309 4.08 -11.58 15.25
N ARG B 310 5.19 -11.72 15.98
CA ARG B 310 5.16 -12.07 17.40
C ARG B 310 4.66 -10.90 18.26
N PRO B 311 4.11 -11.20 19.46
CA PRO B 311 3.47 -10.20 20.32
C PRO B 311 4.26 -8.90 20.50
N ASN B 312 5.56 -9.02 20.76
CA ASN B 312 6.38 -7.84 21.04
C ASN B 312 7.27 -7.43 19.85
N GLU B 313 6.67 -7.39 18.67
CA GLU B 313 7.40 -7.04 17.44
C GLU B 313 6.75 -5.89 16.70
N ASN B 314 7.57 -4.94 16.25
CA ASN B 314 7.12 -3.80 15.45
C ASN B 314 6.97 -4.20 13.97
N PRO B 315 5.72 -4.16 13.45
CA PRO B 315 5.48 -4.53 12.04
C PRO B 315 6.30 -3.72 11.05
N ALA B 316 6.56 -2.46 11.38
CA ALA B 316 7.38 -1.57 10.56
C ALA B 316 8.83 -2.08 10.46
N HIS B 317 9.35 -2.60 11.57
CA HIS B 317 10.72 -3.13 11.60
C HIS B 317 10.89 -4.47 10.87
N LYS B 318 9.88 -5.33 10.93
CA LYS B 318 9.85 -6.57 10.15
C LYS B 318 9.88 -6.21 8.68
N SER B 319 9.05 -5.22 8.31
CA SER B 319 8.96 -4.74 6.94
C SER B 319 10.28 -4.24 6.41
N GLN B 320 11.01 -3.49 7.24
CA GLN B 320 12.34 -3.01 6.87
C GLN B 320 13.23 -4.19 6.54
N LEU B 321 13.21 -5.19 7.42
CA LEU B 321 14.05 -6.37 7.29
C LEU B 321 13.81 -7.09 5.96
N VAL B 322 12.55 -7.28 5.59
CA VAL B 322 12.20 -7.99 4.37
C VAL B 322 12.53 -7.15 3.15
N TRP B 323 12.27 -5.84 3.25
CA TRP B 323 12.61 -4.88 2.20
C TRP B 323 14.11 -4.92 1.89
N MET B 324 14.93 -4.87 2.93
CA MET B 324 16.37 -4.95 2.81
C MET B 324 16.81 -6.27 2.18
N ALA B 325 16.13 -7.35 2.55
CA ALA B 325 16.42 -8.68 2.00
C ALA B 325 16.02 -8.76 0.54
N CYS B 326 14.94 -8.08 0.17
CA CYS B 326 14.45 -8.09 -1.20
C CYS B 326 15.47 -7.51 -2.17
N HIS B 327 16.07 -6.39 -1.77
CA HIS B 327 16.96 -5.64 -2.66
C HIS B 327 18.46 -5.80 -2.37
N SER B 328 18.87 -6.94 -1.81
CA SER B 328 20.28 -7.21 -1.45
C SER B 328 20.95 -6.14 -0.57
N ALA B 329 20.15 -5.41 0.18
CA ALA B 329 20.59 -4.18 0.84
C ALA B 329 21.31 -4.36 2.18
N ALA B 330 21.48 -5.61 2.62
CA ALA B 330 22.01 -5.89 3.96
C ALA B 330 23.25 -5.09 4.31
N PHE B 331 24.27 -5.13 3.44
CA PHE B 331 25.56 -4.52 3.72
C PHE B 331 25.72 -3.08 3.19
N GLU B 332 24.62 -2.48 2.78
CA GLU B 332 24.63 -1.10 2.30
C GLU B 332 24.83 -0.07 3.40
N ASP B 333 25.16 1.16 2.97
CA ASP B 333 25.06 2.36 3.77
C ASP B 333 23.58 2.53 4.13
N LEU B 334 23.30 2.64 5.43
CA LEU B 334 21.92 2.83 5.91
C LEU B 334 21.30 4.12 5.36
N ARG B 335 22.14 5.14 5.17
CA ARG B 335 21.69 6.45 4.68
C ARG B 335 21.10 6.37 3.27
N VAL B 336 21.84 5.74 2.35
CA VAL B 336 21.35 5.58 0.97
C VAL B 336 20.17 4.61 0.89
N SER B 337 20.13 3.64 1.80
CA SER B 337 18.98 2.74 1.90
C SER B 337 17.75 3.50 2.41
N SER B 338 17.96 4.39 3.37
CA SER B 338 16.88 5.23 3.90
C SER B 338 16.41 6.24 2.87
N PHE B 339 17.35 6.84 2.15
CA PHE B 339 17.04 7.83 1.13
C PHE B 339 16.17 7.25 0.01
N ILE B 340 16.49 6.02 -0.41
CA ILE B 340 15.71 5.32 -1.43
C ILE B 340 14.36 4.87 -0.86
N ARG B 341 14.37 4.38 0.37
CA ARG B 341 13.18 3.81 1.01
C ARG B 341 12.12 4.87 1.32
N GLY B 342 12.54 5.95 1.96
CA GLY B 342 11.62 7.01 2.35
C GLY B 342 11.63 7.21 3.84
N THR B 343 11.51 6.11 4.57
CA THR B 343 11.58 6.14 6.03
C THR B 343 12.96 5.65 6.48
N LYS B 344 13.29 5.93 7.73
CA LYS B 344 14.61 5.61 8.28
C LYS B 344 14.88 4.10 8.22
N VAL B 345 16.10 3.75 7.80
CA VAL B 345 16.56 2.38 7.86
C VAL B 345 17.45 2.25 9.10
N VAL B 346 16.81 1.92 10.20
CA VAL B 346 17.42 1.74 11.51
C VAL B 346 18.42 0.57 11.47
N PRO B 347 19.57 0.69 12.18
CA PRO B 347 20.52 -0.44 12.30
C PRO B 347 19.93 -1.66 13.02
N ARG B 348 20.60 -2.81 12.85
CA ARG B 348 20.07 -4.12 13.29
C ARG B 348 19.75 -4.21 14.79
N GLY B 349 20.69 -3.80 15.62
CA GLY B 349 20.56 -3.87 17.08
C GLY B 349 19.57 -2.90 17.69
N LYS B 350 18.95 -2.06 16.85
CA LYS B 350 17.90 -1.16 17.28
C LYS B 350 16.58 -1.49 16.57
N LEU B 351 16.50 -2.71 16.05
CA LEU B 351 15.35 -3.17 15.29
C LEU B 351 14.49 -4.13 16.14
N SER B 352 13.26 -3.70 16.44
CA SER B 352 12.39 -4.44 17.35
C SER B 352 11.61 -5.59 16.67
N THR B 353 12.36 -6.54 16.11
CA THR B 353 11.80 -7.75 15.51
C THR B 353 12.83 -8.89 15.48
N ARG B 354 12.33 -10.12 15.49
CA ARG B 354 13.19 -11.30 15.33
C ARG B 354 13.03 -11.85 13.91
N GLY B 355 13.54 -13.06 13.67
CA GLY B 355 13.49 -13.70 12.35
C GLY B 355 12.11 -13.83 11.73
N VAL B 356 12.09 -14.08 10.42
CA VAL B 356 10.84 -14.19 9.66
C VAL B 356 10.19 -15.54 9.90
N GLN B 357 11.00 -16.60 9.96
CA GLN B 357 10.51 -17.94 10.22
C GLN B 357 10.07 -18.09 11.68
N ILE B 358 9.17 -19.03 11.92
CA ILE B 358 8.67 -19.27 13.26
C ILE B 358 9.04 -20.69 13.72
N ALA B 359 9.71 -20.75 14.86
CA ALA B 359 10.20 -22.00 15.43
C ALA B 359 9.06 -22.90 15.95
N SER B 360 9.34 -24.20 16.05
CA SER B 360 8.32 -25.16 16.47
C SER B 360 7.85 -24.96 17.91
N ASN B 361 8.68 -24.31 18.72
CA ASN B 361 8.35 -24.10 20.12
C ASN B 361 7.49 -22.88 20.40
N GLU B 362 7.23 -22.09 19.36
CA GLU B 362 6.49 -20.84 19.50
C GLU B 362 4.98 -21.05 19.61
N ASN B 363 4.34 -20.22 20.42
CA ASN B 363 2.91 -20.32 20.67
C ASN B 363 2.10 -19.70 19.53
N MET B 364 1.39 -20.54 18.78
CA MET B 364 0.60 -20.08 17.63
C MET B 364 -0.61 -19.26 18.00
N GLU B 365 -1.13 -19.45 19.22
CA GLU B 365 -2.32 -18.75 19.69
C GLU B 365 -2.08 -17.24 19.92
N THR B 366 -0.82 -16.83 19.90
CA THR B 366 -0.46 -15.42 20.06
C THR B 366 -0.06 -14.74 18.74
N MET B 367 -0.03 -15.51 17.66
CA MET B 367 0.37 -14.99 16.35
C MET B 367 -0.70 -14.17 15.65
N GLU B 368 -0.32 -12.95 15.25
CA GLU B 368 -1.16 -12.14 14.37
C GLU B 368 -0.43 -11.96 13.04
N SER B 369 -1.17 -11.74 11.96
CA SER B 369 -0.55 -11.49 10.67
C SER B 369 -0.79 -10.07 10.20
N SER B 370 0.26 -9.47 9.65
CA SER B 370 0.26 -8.08 9.22
C SER B 370 0.80 -7.90 7.80
N THR B 371 0.42 -6.78 7.18
CA THR B 371 1.00 -6.35 5.93
C THR B 371 2.49 -6.05 6.11
N LEU B 372 3.29 -6.42 5.12
CA LEU B 372 4.69 -6.02 5.04
C LEU B 372 4.82 -4.82 4.11
N GLU B 373 5.13 -3.65 4.65
CA GLU B 373 5.32 -2.46 3.83
C GLU B 373 6.68 -2.54 3.12
N LEU B 374 6.64 -2.88 1.83
CA LEU B 374 7.85 -3.15 1.06
C LEU B 374 8.07 -2.15 -0.07
N ARG B 375 7.18 -1.16 -0.18
CA ARG B 375 7.28 -0.14 -1.21
C ARG B 375 8.44 0.82 -0.94
N SER B 376 8.85 1.58 -1.95
CA SER B 376 9.95 2.52 -1.84
C SER B 376 9.51 3.90 -2.30
N ARG B 377 10.34 4.92 -2.07
CA ARG B 377 10.08 6.29 -2.56
C ARG B 377 10.73 6.50 -3.93
N TYR B 378 12.01 6.14 -4.04
CA TYR B 378 12.73 6.16 -5.30
C TYR B 378 13.16 4.75 -5.67
N TRP B 379 13.88 4.60 -6.78
CA TRP B 379 14.57 3.36 -7.10
C TRP B 379 16.01 3.62 -7.56
N ALA B 380 16.80 2.56 -7.66
CA ALA B 380 18.19 2.66 -8.10
C ALA B 380 18.64 1.39 -8.79
N ILE B 381 19.53 1.53 -9.77
CA ILE B 381 20.13 0.38 -10.43
C ILE B 381 21.00 -0.37 -9.42
N ARG B 382 21.16 -1.67 -9.65
CA ARG B 382 21.97 -2.47 -8.73
C ARG B 382 23.31 -2.84 -9.36
N THR B 383 24.37 -2.32 -8.75
CA THR B 383 25.70 -2.35 -9.32
C THR B 383 26.43 -3.66 -9.06
N ARG B 384 27.27 -4.04 -10.01
CA ARG B 384 28.23 -5.11 -9.81
C ARG B 384 29.52 -4.51 -9.25
N SER B 385 29.77 -3.24 -9.59
CA SER B 385 30.98 -2.52 -9.19
C SER B 385 31.02 -2.25 -7.68
N GLY B 386 32.24 -2.05 -7.17
CA GLY B 386 32.46 -1.72 -5.77
C GLY B 386 32.54 -0.23 -5.54
N GLY B 397 37.29 16.48 -17.64
CA GLY B 397 36.97 17.87 -17.33
C GLY B 397 37.89 18.48 -16.29
N GLN B 398 37.32 19.32 -15.42
CA GLN B 398 38.09 20.04 -14.40
C GLN B 398 38.40 19.14 -13.20
N ILE B 399 39.67 19.03 -12.85
CA ILE B 399 40.10 18.19 -11.73
C ILE B 399 40.35 19.00 -10.46
N SER B 400 40.89 20.21 -10.61
CA SER B 400 41.18 21.09 -9.48
C SER B 400 40.56 22.49 -9.60
N ILE B 401 40.74 23.29 -8.55
CA ILE B 401 40.22 24.65 -8.48
C ILE B 401 41.33 25.63 -8.09
N GLN B 402 41.42 26.73 -8.83
CA GLN B 402 42.34 27.82 -8.52
C GLN B 402 41.55 28.97 -7.91
N PRO B 403 41.93 29.40 -6.69
CA PRO B 403 41.18 30.44 -5.99
C PRO B 403 41.32 31.82 -6.62
N THR B 404 40.21 32.54 -6.71
CA THR B 404 40.19 33.91 -7.21
C THR B 404 40.04 34.89 -6.04
N PHE B 405 39.18 34.53 -5.09
CA PHE B 405 38.87 35.40 -3.96
C PHE B 405 39.52 34.92 -2.66
N SER B 406 40.09 35.85 -1.90
CA SER B 406 40.66 35.53 -0.60
C SER B 406 39.55 35.35 0.44
N VAL B 407 39.10 34.09 0.55
CA VAL B 407 38.02 33.70 1.45
C VAL B 407 38.39 32.38 2.11
N GLN B 408 38.06 32.24 3.39
CA GLN B 408 38.30 31.01 4.14
C GLN B 408 37.42 29.87 3.63
N ARG B 409 38.08 28.82 3.14
CA ARG B 409 37.41 27.61 2.66
C ARG B 409 38.43 26.55 2.31
N ASN B 410 37.95 25.32 2.12
CA ASN B 410 38.76 24.27 1.53
C ASN B 410 38.92 24.53 0.04
N LEU B 411 40.13 24.34 -0.46
CA LEU B 411 40.38 24.41 -1.90
C LEU B 411 40.37 22.99 -2.46
N PRO B 412 39.20 22.52 -2.92
CA PRO B 412 39.03 21.09 -3.21
C PRO B 412 39.76 20.61 -4.46
N PHE B 413 40.11 19.32 -4.47
CA PHE B 413 40.73 18.64 -5.61
C PHE B 413 40.35 17.16 -5.60
N ASP B 414 39.91 16.66 -6.75
CA ASP B 414 39.55 15.25 -6.88
C ASP B 414 40.79 14.37 -6.69
N ARG B 415 40.90 13.83 -5.48
CA ARG B 415 42.09 13.08 -5.04
C ARG B 415 42.50 11.90 -5.92
N PRO B 416 41.57 10.96 -6.23
CA PRO B 416 41.93 9.79 -7.05
C PRO B 416 42.60 10.13 -8.39
N THR B 417 41.89 10.83 -9.27
CA THR B 417 42.38 11.17 -10.61
C THR B 417 43.78 11.76 -10.63
N ILE B 418 44.03 12.75 -9.78
CA ILE B 418 45.32 13.43 -9.72
C ILE B 418 46.41 12.50 -9.18
N MET B 419 46.08 11.81 -8.08
CA MET B 419 47.05 10.96 -7.38
C MET B 419 47.40 9.66 -8.10
N ALA B 420 46.46 9.15 -8.88
CA ALA B 420 46.68 7.93 -9.66
C ALA B 420 47.55 8.21 -10.90
N ALA B 421 48.82 8.50 -10.63
CA ALA B 421 49.83 8.74 -11.68
C ALA B 421 51.22 8.33 -11.17
N ARG B 434 51.86 -6.64 -2.28
CA ARG B 434 51.50 -6.50 -0.86
C ARG B 434 51.73 -5.07 -0.34
N THR B 435 52.89 -4.50 -0.66
CA THR B 435 53.23 -3.14 -0.24
C THR B 435 52.43 -2.11 -1.02
N GLU B 436 52.25 -2.36 -2.32
CA GLU B 436 51.42 -1.52 -3.18
C GLU B 436 49.97 -1.49 -2.68
N ILE B 437 49.50 -2.63 -2.19
CA ILE B 437 48.20 -2.76 -1.57
C ILE B 437 48.08 -1.83 -0.35
N ILE B 438 49.04 -1.94 0.56
CA ILE B 438 49.09 -1.08 1.75
C ILE B 438 49.10 0.40 1.35
N ARG B 439 49.92 0.73 0.36
CA ARG B 439 50.00 2.08 -0.20
C ARG B 439 48.63 2.54 -0.70
N LEU B 440 47.97 1.67 -1.46
CA LEU B 440 46.64 1.95 -1.99
C LEU B 440 45.61 2.14 -0.87
N MET B 441 45.67 1.27 0.14
CA MET B 441 44.73 1.32 1.27
C MET B 441 44.90 2.58 2.13
N GLU B 442 46.15 3.01 2.30
CA GLU B 442 46.46 4.21 3.09
C GLU B 442 46.10 5.47 2.32
N SER B 443 46.19 5.41 0.99
CA SER B 443 45.87 6.54 0.12
C SER B 443 44.38 6.90 0.14
N ALA B 444 43.53 5.86 0.15
CA ALA B 444 42.07 6.03 0.12
C ALA B 444 41.51 6.61 1.42
N ARG B 445 40.44 7.38 1.29
CA ARG B 445 39.82 8.05 2.43
C ARG B 445 38.32 7.75 2.51
N PRO B 446 37.77 7.63 3.74
CA PRO B 446 36.34 7.39 3.97
C PRO B 446 35.43 8.50 3.44
N GLU B 447 36.00 9.63 3.03
CA GLU B 447 35.23 10.78 2.56
C GLU B 447 35.27 10.98 1.03
N ASP B 448 36.13 10.20 0.36
CA ASP B 448 36.20 10.21 -1.10
C ASP B 448 34.94 9.57 -1.70
N VAL B 449 34.43 10.16 -2.78
CA VAL B 449 33.15 9.72 -3.38
C VAL B 449 33.30 8.74 -4.55
N SER B 450 32.31 7.85 -4.68
CA SER B 450 32.24 6.92 -5.80
C SER B 450 30.89 7.05 -6.52
N PHE B 451 30.73 6.29 -7.61
CA PHE B 451 29.54 6.34 -8.48
C PHE B 451 29.15 7.77 -8.87
N GLN B 452 30.15 8.54 -9.27
CA GLN B 452 29.99 9.96 -9.58
C GLN B 452 28.96 10.22 -10.68
N GLY B 453 28.05 11.14 -10.42
CA GLY B 453 27.01 11.50 -11.38
C GLY B 453 25.73 10.71 -11.24
N ARG B 454 25.87 9.40 -11.00
CA ARG B 454 24.72 8.49 -10.87
C ARG B 454 23.90 8.76 -9.62
N GLY B 455 22.58 8.74 -9.77
CA GLY B 455 21.66 8.99 -8.65
C GLY B 455 20.50 8.01 -8.56
N VAL B 456 19.41 8.46 -7.94
CA VAL B 456 18.20 7.66 -7.81
C VAL B 456 17.12 8.17 -8.76
N PHE B 457 16.14 7.33 -9.07
CA PHE B 457 15.09 7.69 -10.03
C PHE B 457 13.70 7.58 -9.42
N GLU B 458 12.78 8.40 -9.93
CA GLU B 458 11.37 8.34 -9.53
C GLU B 458 10.75 7.02 -9.96
N LEU B 459 9.70 6.61 -9.24
CA LEU B 459 8.96 5.39 -9.58
C LEU B 459 8.34 5.52 -10.97
N SER B 460 7.99 6.76 -11.31
CA SER B 460 7.38 7.09 -12.61
C SER B 460 8.38 7.12 -13.77
N ASP B 461 9.66 7.31 -13.47
CA ASP B 461 10.71 7.39 -14.48
C ASP B 461 11.18 6.00 -14.92
N GLU B 462 10.46 5.41 -15.87
CA GLU B 462 10.73 4.04 -16.35
C GLU B 462 12.14 3.87 -16.94
N LYS B 463 12.57 4.83 -17.75
CA LYS B 463 13.94 4.84 -18.26
C LYS B 463 14.88 5.55 -17.28
N ALA B 464 16.18 5.45 -17.50
CA ALA B 464 17.15 6.13 -16.65
C ALA B 464 17.39 7.56 -17.16
N THR B 465 16.36 8.39 -17.05
CA THR B 465 16.39 9.76 -17.54
C THR B 465 17.16 10.66 -16.57
N SER B 466 16.46 11.16 -15.56
CA SER B 466 17.00 12.17 -14.65
C SER B 466 17.28 11.61 -13.27
N PRO B 467 18.57 11.43 -12.94
CA PRO B 467 19.01 10.92 -11.64
C PRO B 467 18.92 11.99 -10.55
N ILE B 468 18.76 11.55 -9.30
CA ILE B 468 18.72 12.44 -8.14
C ILE B 468 19.90 12.17 -7.19
N VAL B 469 20.85 13.09 -7.16
CA VAL B 469 22.03 12.97 -6.28
C VAL B 469 21.71 13.47 -4.87
N PRO B 470 21.81 12.59 -3.85
CA PRO B 470 21.49 12.96 -2.46
C PRO B 470 22.58 13.80 -1.79
N SER B 479 25.23 4.32 9.47
CA SER B 479 25.64 3.80 8.16
C SER B 479 25.79 2.28 8.12
N TYR B 480 26.41 1.71 9.16
CA TYR B 480 26.56 0.25 9.25
C TYR B 480 25.34 -0.40 9.88
N PHE B 481 24.72 -1.31 9.15
CA PHE B 481 23.56 -2.06 9.63
C PHE B 481 23.95 -2.97 10.79
N PHE B 482 25.13 -3.58 10.69
CA PHE B 482 25.67 -4.42 11.76
C PHE B 482 26.71 -3.69 12.61
N GLY B 483 26.57 -2.37 12.75
CA GLY B 483 27.48 -1.57 13.58
C GLY B 483 27.36 -1.92 15.05
N ASP B 484 28.49 -1.87 15.75
CA ASP B 484 28.57 -2.28 17.17
C ASP B 484 27.51 -1.65 18.08
#